data_7CIF
#
_entry.id   7CIF
#
_cell.length_a   124.631
_cell.length_b   147.499
_cell.length_c   53.904
_cell.angle_alpha   90.00
_cell.angle_beta   99.87
_cell.angle_gamma   90.00
#
_symmetry.space_group_name_H-M   'C 1 2 1'
#
loop_
_entity.id
_entity.type
_entity.pdbx_description
1 polymer 'L-methionine decarboxylase'
2 water water
#
_entity_poly.entity_id   1
_entity_poly.type   'polypeptide(L)'
_entity_poly.pdbx_seq_one_letter_code
;MSPTAFPAAETATAPATAVDPGPELDGGDFALPEGGLDDDRRLRALDAVDEYLTRKRKHLVGYQATQDMQGTALDLARFM
PNNINNLGDPFQSGGYKPNTKVVERAVLDYYAKLWHAERPHDPADPESYWGYMLSMGSTEGNMYALWNARDYLSGKALIQ
PPTAPFDAVRYVKADPDRRNPNAHHPVAFYSEDTHYSFAKAVAVLGVETFHAVGLEKYADECPLVDPVTGLRTWPTEVPS
RPGPSGLSWDGPGEIDVDALAVLVEFFAAKGHPVFVNLNLGSTFKGAHDDVRAVCERLLPIFERHGLVQREVVYGSCPQT
GRPLVDVRRGFWIHVDGALGAGYAPFLRLAAEDPEGYGWTPEAELPEFDFGLRLPTAGHGEVDMVSSIAMSGH(LLP)WA
GAPWPCGIYMTKVKYQISPPSQPDYIGAPDTTFAGSRNGFSPLILWDHLSRYSYRDQVERIREAQELAAYLERRLTAMER
ELGVELWPARTPGAVTVRFRKPSAELVAKWSLSSQDVLMVPGDETTRRSYVHVFVMPSVDRAKLDALLAELAEDPVILGA
P
;
_entity_poly.pdbx_strand_id   A,B
#
# COMPACT_ATOMS: atom_id res chain seq x y z
N ALA A 18 13.23 -5.51 -36.06
CA ALA A 18 14.14 -6.47 -36.79
C ALA A 18 15.11 -7.22 -35.86
N VAL A 19 15.56 -6.56 -34.78
CA VAL A 19 16.42 -7.18 -33.76
C VAL A 19 15.58 -8.09 -32.84
N ASP A 20 16.25 -8.95 -32.07
CA ASP A 20 15.59 -9.93 -31.19
C ASP A 20 15.57 -9.46 -29.71
N PRO A 21 14.39 -9.31 -29.09
CA PRO A 21 14.35 -9.10 -27.63
C PRO A 21 14.56 -10.38 -26.82
N GLY A 22 14.42 -11.54 -27.47
CA GLY A 22 14.62 -12.86 -26.85
C GLY A 22 13.27 -13.43 -26.41
N PRO A 23 13.23 -14.72 -26.06
CA PRO A 23 11.96 -15.31 -25.63
C PRO A 23 11.51 -14.83 -24.25
N GLU A 24 10.20 -14.69 -24.07
CA GLU A 24 9.63 -14.47 -22.74
C GLU A 24 9.54 -15.84 -22.04
N LEU A 25 9.18 -15.81 -20.75
CA LEU A 25 9.03 -17.06 -19.98
C LEU A 25 7.78 -17.81 -20.43
N ASP A 26 7.87 -19.13 -20.42
CA ASP A 26 6.78 -20.04 -20.80
C ASP A 26 5.99 -20.45 -19.55
N GLY A 27 4.71 -20.12 -19.52
CA GLY A 27 3.82 -20.47 -18.41
C GLY A 27 3.86 -21.92 -17.98
N GLY A 28 3.87 -22.85 -18.94
CA GLY A 28 4.02 -24.29 -18.64
C GLY A 28 5.16 -24.72 -17.71
N ASP A 29 6.28 -23.98 -17.74
CA ASP A 29 7.42 -24.23 -16.85
C ASP A 29 7.15 -23.85 -15.39
N PHE A 30 6.17 -22.98 -15.15
CA PHE A 30 5.91 -22.43 -13.82
C PHE A 30 4.64 -22.93 -13.13
N ALA A 31 3.81 -23.69 -13.83
CA ALA A 31 2.56 -24.28 -13.26
C ALA A 31 2.89 -25.11 -12.04
N LEU A 32 2.14 -24.88 -10.97
CA LEU A 32 2.43 -25.48 -9.67
C LEU A 32 1.42 -26.59 -9.43
N PRO A 33 1.86 -27.85 -9.57
CA PRO A 33 0.92 -28.96 -9.40
C PRO A 33 0.64 -29.31 -7.95
N GLU A 34 -0.43 -30.06 -7.71
CA GLU A 34 -0.76 -30.54 -6.35
C GLU A 34 0.41 -31.26 -5.67
N GLY A 35 1.14 -32.09 -6.40
CA GLY A 35 2.24 -32.85 -5.84
C GLY A 35 3.57 -32.12 -5.61
N GLY A 36 3.64 -30.82 -5.92
CA GLY A 36 4.91 -30.09 -5.87
C GLY A 36 5.81 -30.37 -7.07
N LEU A 37 6.89 -29.60 -7.19
CA LEU A 37 7.92 -29.83 -8.24
C LEU A 37 9.17 -30.43 -7.63
N ASP A 38 9.80 -31.39 -8.30
CA ASP A 38 11.14 -31.85 -7.83
C ASP A 38 12.19 -30.76 -8.06
N ASP A 39 13.31 -30.94 -7.39
CA ASP A 39 14.41 -29.98 -7.40
C ASP A 39 14.92 -29.60 -8.81
N ASP A 40 14.89 -30.55 -9.77
CA ASP A 40 15.37 -30.28 -11.13
C ASP A 40 14.44 -29.35 -11.86
N ARG A 41 13.15 -29.61 -11.75
CA ARG A 41 12.16 -28.78 -12.40
C ARG A 41 12.15 -27.40 -11.73
N ARG A 42 12.32 -27.34 -10.41
CA ARG A 42 12.43 -26.06 -9.71
C ARG A 42 13.62 -25.24 -10.21
N LEU A 43 14.80 -25.85 -10.25
CA LEU A 43 15.97 -25.13 -10.66
C LEU A 43 15.90 -24.71 -12.10
N ARG A 44 15.31 -25.53 -12.97
CA ARG A 44 15.22 -25.18 -14.39
C ARG A 44 14.36 -23.94 -14.54
N ALA A 45 13.30 -23.88 -13.76
CA ALA A 45 12.41 -22.74 -13.79
C ALA A 45 13.08 -21.47 -13.28
N LEU A 46 13.70 -21.54 -12.10
CA LEU A 46 14.42 -20.39 -11.60
C LEU A 46 15.58 -19.94 -12.50
N ASP A 47 16.29 -20.89 -13.11
CA ASP A 47 17.27 -20.52 -14.12
C ASP A 47 16.63 -19.76 -15.31
N ALA A 48 15.47 -20.22 -15.77
CA ALA A 48 14.76 -19.55 -16.87
C ALA A 48 14.42 -18.09 -16.50
N VAL A 49 13.96 -17.88 -15.26
CA VAL A 49 13.61 -16.53 -14.76
C VAL A 49 14.85 -15.64 -14.74
N ASP A 50 15.93 -16.19 -14.17
CA ASP A 50 17.22 -15.49 -14.08
C ASP A 50 17.77 -15.10 -15.45
N GLU A 51 17.70 -16.01 -16.42
CA GLU A 51 18.18 -15.74 -17.78
C GLU A 51 17.36 -14.61 -18.44
N TYR A 52 16.05 -14.66 -18.27
CA TYR A 52 15.14 -13.63 -18.78
C TYR A 52 15.42 -12.30 -18.09
N LEU A 53 15.45 -12.31 -16.78
CA LEU A 53 15.61 -11.06 -16.04
C LEU A 53 16.93 -10.40 -16.30
N THR A 54 17.97 -11.21 -16.42
CA THR A 54 19.31 -10.70 -16.61
C THR A 54 19.43 -10.03 -17.93
N ARG A 55 18.88 -10.64 -18.98
CA ARG A 55 18.95 -10.06 -20.30
C ARG A 55 18.16 -8.73 -20.35
N LYS A 56 16.98 -8.70 -19.73
CA LYS A 56 16.18 -7.48 -19.70
C LYS A 56 16.81 -6.39 -18.82
N ARG A 57 17.31 -6.75 -17.64
CA ARG A 57 18.00 -5.77 -16.75
C ARG A 57 19.15 -5.06 -17.46
N LYS A 58 19.95 -5.82 -18.18
CA LYS A 58 21.12 -5.24 -18.83
C LYS A 58 20.80 -4.27 -19.99
N HIS A 59 19.63 -4.42 -20.62
CA HIS A 59 19.18 -3.54 -21.68
C HIS A 59 18.10 -2.55 -21.28
N LEU A 60 17.64 -2.55 -20.04
CA LEU A 60 16.61 -1.59 -19.65
C LEU A 60 17.19 -0.17 -19.66
N VAL A 61 16.57 0.70 -20.46
CA VAL A 61 16.93 2.14 -20.44
C VAL A 61 15.72 3.06 -20.48
N GLY A 62 14.51 2.51 -20.49
CA GLY A 62 13.31 3.30 -20.69
C GLY A 62 12.48 3.58 -19.50
N TYR A 63 12.96 3.20 -18.30
CA TYR A 63 12.20 3.45 -17.10
C TYR A 63 13.16 4.03 -16.08
N GLN A 64 12.60 4.81 -15.16
CA GLN A 64 13.35 5.53 -14.12
C GLN A 64 13.67 4.64 -12.92
N ALA A 65 14.47 3.60 -13.19
CA ALA A 65 14.76 2.58 -12.21
C ALA A 65 16.23 2.18 -12.36
N THR A 66 17.05 2.45 -11.35
CA THR A 66 18.46 2.10 -11.39
C THR A 66 18.57 0.57 -11.31
N GLN A 67 19.45 0.00 -12.15
CA GLN A 67 19.55 -1.46 -12.33
C GLN A 67 20.76 -2.13 -11.71
N ASP A 68 21.76 -1.36 -11.27
CA ASP A 68 22.99 -1.96 -10.75
C ASP A 68 22.99 -1.79 -9.24
N MET A 69 22.96 -2.95 -8.55
CA MET A 69 22.94 -3.08 -7.09
C MET A 69 23.72 -4.35 -6.64
N GLN A 70 24.92 -4.55 -7.17
CA GLN A 70 25.66 -5.80 -6.94
C GLN A 70 26.18 -5.84 -5.51
N GLY A 71 26.68 -4.69 -5.07
CA GLY A 71 27.16 -4.51 -3.69
C GLY A 71 26.10 -4.78 -2.64
N THR A 72 24.89 -4.26 -2.86
CA THR A 72 23.80 -4.48 -1.91
C THR A 72 23.46 -5.99 -1.79
N ALA A 73 23.41 -6.69 -2.92
CA ALA A 73 23.13 -8.12 -2.94
C ALA A 73 24.15 -8.95 -2.15
N LEU A 74 25.43 -8.68 -2.39
CA LEU A 74 26.48 -9.30 -1.62
C LEU A 74 26.35 -9.01 -0.13
N ASP A 75 26.07 -7.75 0.19
CA ASP A 75 26.01 -7.32 1.60
C ASP A 75 24.78 -7.91 2.35
N LEU A 76 23.66 -8.04 1.65
CA LEU A 76 22.38 -8.23 2.31
C LEU A 76 21.64 -9.52 2.04
N ALA A 77 22.18 -10.39 1.19
CA ALA A 77 21.60 -11.72 0.96
C ALA A 77 21.48 -12.55 2.23
N ARG A 78 22.40 -12.34 3.18
CA ARG A 78 22.35 -12.99 4.50
C ARG A 78 21.05 -12.77 5.30
N PHE A 79 20.34 -11.70 4.97
CA PHE A 79 19.11 -11.38 5.68
C PHE A 79 17.91 -12.08 5.13
N MET A 80 18.03 -12.70 3.95
CA MET A 80 16.87 -13.37 3.35
C MET A 80 16.15 -14.45 4.19
N PRO A 81 16.87 -15.22 5.04
CA PRO A 81 16.20 -16.15 5.98
C PRO A 81 15.33 -15.53 7.08
N ASN A 82 15.30 -14.18 7.19
CA ASN A 82 14.58 -13.54 8.26
C ASN A 82 13.23 -12.97 7.81
N ASN A 83 12.16 -13.28 8.54
CA ASN A 83 10.88 -12.64 8.37
C ASN A 83 10.90 -11.39 9.22
N ILE A 84 11.33 -10.31 8.61
CA ILE A 84 11.51 -9.02 9.29
C ILE A 84 10.19 -8.27 9.16
N ASN A 85 9.79 -7.58 10.20
CA ASN A 85 8.54 -6.84 10.16
C ASN A 85 8.66 -5.59 11.00
N ASN A 86 8.50 -4.41 10.38
CA ASN A 86 8.63 -3.12 11.10
C ASN A 86 7.26 -2.56 11.44
N LEU A 87 6.37 -3.48 11.83
CA LEU A 87 5.01 -3.23 12.32
C LEU A 87 5.00 -2.08 13.31
N GLY A 88 4.13 -1.11 13.07
CA GLY A 88 4.00 0.09 13.88
C GLY A 88 4.96 1.23 13.53
N ASP A 89 4.86 2.30 14.30
CA ASP A 89 5.61 3.54 14.10
C ASP A 89 7.12 3.27 14.14
N PRO A 90 7.92 3.94 13.27
CA PRO A 90 9.37 3.70 13.28
C PRO A 90 10.07 4.11 14.57
N PHE A 91 9.45 4.98 15.36
CA PHE A 91 10.09 5.57 16.54
C PHE A 91 9.68 4.93 17.85
N GLN A 92 8.95 3.81 17.76
CA GLN A 92 8.42 3.09 18.91
C GLN A 92 8.82 1.64 18.82
N SER A 93 9.22 1.09 19.96
CA SER A 93 9.70 -0.29 20.07
C SER A 93 8.58 -1.23 20.50
N GLY A 94 8.00 -1.96 19.54
CA GLY A 94 6.86 -2.86 19.76
C GLY A 94 7.21 -4.34 20.00
N GLY A 95 6.21 -5.19 19.92
CA GLY A 95 6.41 -6.58 20.31
C GLY A 95 7.10 -7.51 19.32
N TYR A 96 7.06 -7.17 18.03
CA TYR A 96 7.67 -8.02 17.02
C TYR A 96 9.17 -7.69 16.97
N LYS A 97 9.98 -8.44 17.73
CA LYS A 97 11.38 -8.11 17.93
C LYS A 97 12.28 -8.24 16.70
N PRO A 98 11.97 -9.17 15.77
CA PRO A 98 12.77 -9.15 14.55
C PRO A 98 12.38 -8.00 13.61
N ASN A 99 12.80 -6.81 13.99
CA ASN A 99 12.59 -5.61 13.21
C ASN A 99 13.89 -4.80 13.04
N THR A 100 13.90 -3.96 12.01
CA THR A 100 15.00 -3.08 11.66
C THR A 100 14.72 -1.59 11.89
N LYS A 101 13.92 -1.26 12.88
CA LYS A 101 13.51 0.15 13.06
C LYS A 101 14.74 1.07 13.39
N VAL A 102 15.80 0.53 13.97
CA VAL A 102 17.00 1.38 14.25
C VAL A 102 17.67 1.79 12.92
N VAL A 103 17.67 0.86 11.98
CA VAL A 103 18.11 1.15 10.64
C VAL A 103 17.17 2.10 9.86
N GLU A 104 15.86 1.91 9.98
CA GLU A 104 14.85 2.74 9.36
C GLU A 104 14.99 4.19 9.84
N ARG A 105 15.24 4.37 11.14
CA ARG A 105 15.42 5.70 11.67
C ARG A 105 16.66 6.38 11.13
N ALA A 106 17.73 5.63 10.97
CA ALA A 106 18.95 6.21 10.42
C ALA A 106 18.78 6.67 8.99
N VAL A 107 18.03 5.90 8.20
CA VAL A 107 17.75 6.29 6.81
C VAL A 107 16.83 7.53 6.77
N LEU A 108 15.78 7.53 7.59
CA LEU A 108 14.92 8.70 7.67
C LEU A 108 15.69 9.96 8.13
N ASP A 109 16.52 9.82 9.16
CA ASP A 109 17.46 10.91 9.56
C ASP A 109 18.35 11.45 8.43
N TYR A 110 18.92 10.57 7.63
CA TYR A 110 19.70 10.96 6.48
C TYR A 110 18.91 11.87 5.54
N TYR A 111 17.72 11.39 5.11
CA TYR A 111 16.91 12.13 4.20
C TYR A 111 16.32 13.40 4.87
N ALA A 112 16.04 13.36 6.17
CA ALA A 112 15.55 14.54 6.88
C ALA A 112 16.57 15.69 6.79
N LYS A 113 17.84 15.36 6.95
CA LYS A 113 18.93 16.34 6.80
C LYS A 113 19.02 16.80 5.37
N LEU A 114 19.02 15.83 4.46
CA LEU A 114 19.11 16.12 3.04
C LEU A 114 18.00 17.09 2.54
N TRP A 115 16.79 16.93 3.04
CA TRP A 115 15.63 17.78 2.72
C TRP A 115 15.40 18.93 3.73
N HIS A 116 16.42 19.23 4.53
CA HIS A 116 16.38 20.37 5.47
C HIS A 116 15.20 20.38 6.42
N ALA A 117 14.84 19.19 6.90
CA ALA A 117 13.82 19.02 7.94
C ALA A 117 14.54 19.19 9.25
N GLU A 118 13.78 19.40 10.32
CA GLU A 118 14.37 19.55 11.66
C GLU A 118 14.47 18.17 12.30
N ARG A 119 15.68 17.79 12.69
CA ARG A 119 15.94 16.48 13.31
C ARG A 119 16.58 16.72 14.71
N PRO A 120 16.62 15.70 15.58
CA PRO A 120 15.90 14.44 15.46
C PRO A 120 14.36 14.58 15.51
N HIS A 121 13.66 13.51 15.15
CA HIS A 121 12.22 13.45 15.38
C HIS A 121 11.95 13.56 16.88
N ASP A 122 10.93 14.32 17.25
CA ASP A 122 10.62 14.53 18.65
C ASP A 122 9.12 14.79 18.73
N PRO A 123 8.36 13.87 19.34
CA PRO A 123 6.90 14.14 19.42
C PRO A 123 6.56 15.45 20.16
N ALA A 124 7.50 15.94 20.98
CA ALA A 124 7.32 17.17 21.75
C ALA A 124 7.51 18.45 20.96
N ASP A 125 8.14 18.37 19.78
CA ASP A 125 8.50 19.52 18.94
C ASP A 125 7.67 19.45 17.65
N PRO A 126 6.63 20.30 17.52
CA PRO A 126 5.74 20.26 16.34
C PRO A 126 6.43 20.48 14.99
N GLU A 127 7.57 21.17 14.98
CA GLU A 127 8.31 21.45 13.76
C GLU A 127 9.29 20.32 13.39
N SER A 128 9.49 19.32 14.26
CA SER A 128 10.40 18.22 13.91
C SER A 128 9.76 17.34 12.87
N TYR A 129 10.59 16.58 12.14
CA TYR A 129 10.06 15.66 11.13
C TYR A 129 9.34 14.46 11.78
N TRP A 130 8.46 13.84 11.02
CA TRP A 130 7.99 12.50 11.27
C TRP A 130 7.87 11.92 9.85
N GLY A 131 8.25 10.67 9.69
CA GLY A 131 8.05 9.96 8.43
C GLY A 131 8.25 8.48 8.66
N TYR A 132 8.10 7.68 7.61
CA TYR A 132 8.31 6.27 7.72
C TYR A 132 8.68 5.73 6.38
N MET A 133 9.27 4.56 6.39
CA MET A 133 9.62 3.92 5.15
C MET A 133 8.45 3.07 4.62
N LEU A 134 8.24 3.21 3.33
CA LEU A 134 7.12 2.63 2.64
C LEU A 134 7.35 1.16 2.32
N SER A 135 6.27 0.37 2.33
CA SER A 135 6.34 -1.05 1.99
C SER A 135 5.98 -1.24 0.52
N MET A 136 5.28 -0.28 -0.08
CA MET A 136 5.22 -0.19 -1.54
C MET A 136 6.17 0.96 -1.93
N GLY A 137 6.07 1.40 -3.17
CA GLY A 137 6.74 2.60 -3.60
C GLY A 137 5.97 3.87 -3.28
N SER A 138 6.24 4.92 -4.05
CA SER A 138 5.58 6.21 -3.80
C SER A 138 4.08 6.21 -3.94
N THR A 139 3.50 5.24 -4.64
CA THR A 139 2.08 5.03 -4.59
C THR A 139 1.57 5.10 -3.14
N GLU A 140 2.21 4.37 -2.22
CA GLU A 140 1.79 4.39 -0.81
C GLU A 140 2.02 5.78 -0.19
N GLY A 141 3.17 6.39 -0.51
CA GLY A 141 3.54 7.68 0.05
C GLY A 141 2.62 8.81 -0.40
N ASN A 142 2.23 8.81 -1.66
CA ASN A 142 1.30 9.80 -2.17
C ASN A 142 -0.12 9.59 -1.63
N MET A 143 -0.53 8.32 -1.46
CA MET A 143 -1.79 8.01 -0.79
C MET A 143 -1.77 8.52 0.64
N TYR A 144 -0.70 8.22 1.37
CA TYR A 144 -0.62 8.71 2.76
C TYR A 144 -0.69 10.22 2.82
N ALA A 145 0.10 10.89 1.97
CA ALA A 145 0.08 12.34 1.87
C ALA A 145 -1.33 12.91 1.71
N LEU A 146 -2.07 12.35 0.77
CA LEU A 146 -3.39 12.81 0.44
C LEU A 146 -4.41 12.46 1.56
N TRP A 147 -4.23 11.32 2.23
CA TRP A 147 -5.02 10.93 3.40
C TRP A 147 -4.75 11.93 4.54
N ASN A 148 -3.46 12.16 4.78
CA ASN A 148 -2.99 13.07 5.86
C ASN A 148 -3.50 14.51 5.59
N ALA A 149 -3.41 14.95 4.33
CA ALA A 149 -3.87 16.30 3.92
C ALA A 149 -5.39 16.45 3.97
N ARG A 150 -6.11 15.46 3.42
CA ARG A 150 -7.58 15.42 3.53
C ARG A 150 -8.08 15.61 4.96
N ASP A 151 -7.54 14.84 5.89
CA ASP A 151 -8.00 14.88 7.28
C ASP A 151 -7.60 16.17 7.99
N TYR A 152 -6.35 16.59 7.76
CA TYR A 152 -5.81 17.82 8.34
C TYR A 152 -6.59 19.05 7.90
N LEU A 153 -6.89 19.16 6.61
CA LEU A 153 -7.61 20.29 6.07
C LEU A 153 -9.13 20.18 6.32
N SER A 154 -9.63 18.96 6.55
CA SER A 154 -11.06 18.71 6.84
C SER A 154 -11.42 18.75 8.33
N GLY A 155 -10.45 18.97 9.21
CA GLY A 155 -10.71 19.11 10.65
C GLY A 155 -10.77 17.84 11.49
N LYS A 156 -10.21 16.71 11.05
CA LYS A 156 -10.11 15.53 11.93
C LYS A 156 -9.10 15.82 13.03
N ALA A 157 -9.26 15.16 14.18
CA ALA A 157 -8.42 15.45 15.35
C ALA A 157 -6.95 15.08 15.13
N LEU A 158 -6.06 15.86 15.73
CA LEU A 158 -4.62 15.69 15.58
C LEU A 158 -4.04 15.00 16.80
N ILE A 159 -2.85 14.40 16.65
CA ILE A 159 -2.02 13.97 17.77
C ILE A 159 -1.48 15.23 18.44
N GLN A 160 -2.02 15.59 19.60
CA GLN A 160 -1.51 16.75 20.34
C GLN A 160 -0.26 16.35 21.14
N PRO A 161 0.86 17.09 21.00
CA PRO A 161 2.07 16.81 21.78
C PRO A 161 1.91 16.90 23.32
N PRO A 162 2.78 16.21 24.09
CA PRO A 162 2.84 16.42 25.53
C PRO A 162 3.58 17.71 25.89
N THR A 163 3.18 18.36 26.98
CA THR A 163 3.75 19.65 27.39
C THR A 163 5.12 19.52 28.08
N ALA A 164 5.79 20.65 28.31
CA ALA A 164 7.12 20.68 28.92
C ALA A 164 7.47 22.06 29.46
N ARG A 178 -16.22 32.24 9.18
CA ARG A 178 -17.25 31.47 9.84
C ARG A 178 -18.64 32.05 9.47
N ARG A 179 -19.65 31.23 9.13
CA ARG A 179 -19.58 29.75 9.10
C ARG A 179 -18.68 29.23 7.99
N ASN A 180 -18.90 29.74 6.76
CA ASN A 180 -18.21 29.29 5.55
C ASN A 180 -18.52 27.81 5.24
N PRO A 181 -19.45 27.55 4.30
CA PRO A 181 -19.88 26.18 4.07
C PRO A 181 -18.81 25.29 3.40
N ASN A 182 -17.76 25.91 2.83
CA ASN A 182 -16.66 25.18 2.19
C ASN A 182 -15.44 24.96 3.06
N ALA A 183 -15.51 25.29 4.35
CA ALA A 183 -14.35 25.19 5.23
C ALA A 183 -13.80 23.76 5.43
N HIS A 184 -14.64 22.73 5.26
CA HIS A 184 -14.20 21.33 5.36
C HIS A 184 -14.18 20.61 4.01
N HIS A 185 -14.07 21.35 2.91
CA HIS A 185 -14.16 20.75 1.59
C HIS A 185 -12.86 21.08 0.83
N PRO A 186 -11.76 20.39 1.17
CA PRO A 186 -10.50 20.65 0.45
C PRO A 186 -10.60 20.41 -1.05
N VAL A 187 -9.86 21.21 -1.81
CA VAL A 187 -9.81 21.06 -3.25
C VAL A 187 -8.34 20.78 -3.64
N ALA A 188 -8.15 19.80 -4.52
CA ALA A 188 -6.82 19.34 -4.96
C ALA A 188 -6.42 19.89 -6.31
N PHE A 189 -5.14 20.25 -6.44
CA PHE A 189 -4.62 20.89 -7.63
C PHE A 189 -3.31 20.20 -7.99
N TYR A 190 -3.18 19.78 -9.25
CA TYR A 190 -1.91 19.27 -9.78
C TYR A 190 -1.91 19.30 -11.29
N SER A 191 -0.71 19.20 -11.87
CA SER A 191 -0.53 19.43 -13.30
C SER A 191 -1.00 18.27 -14.12
N GLU A 192 -1.12 18.49 -15.42
CA GLU A 192 -1.41 17.40 -16.35
C GLU A 192 -0.25 16.38 -16.52
N ASP A 193 0.93 16.72 -16.01
CA ASP A 193 2.08 15.74 -15.99
C ASP A 193 2.14 14.85 -14.73
N THR A 194 1.12 14.91 -13.90
CA THR A 194 1.10 14.23 -12.60
C THR A 194 0.89 12.78 -12.91
N HIS A 195 1.54 11.91 -12.14
CA HIS A 195 1.43 10.46 -12.41
C HIS A 195 0.01 9.92 -12.10
N TYR A 196 -0.44 8.98 -12.94
CA TYR A 196 -1.77 8.38 -12.92
C TYR A 196 -2.11 7.75 -11.59
N SER A 197 -1.12 7.18 -10.92
CA SER A 197 -1.33 6.59 -9.61
C SER A 197 -1.81 7.67 -8.64
N PHE A 198 -1.44 8.91 -8.90
CA PHE A 198 -1.96 10.05 -8.13
C PHE A 198 -3.47 10.32 -8.32
N ALA A 199 -3.97 10.14 -9.55
CA ALA A 199 -5.42 10.21 -9.82
C ALA A 199 -6.21 9.07 -9.17
N LYS A 200 -5.60 7.90 -9.08
CA LYS A 200 -6.18 6.79 -8.34
C LYS A 200 -6.30 7.14 -6.86
N ALA A 201 -5.25 7.71 -6.28
CA ALA A 201 -5.27 7.99 -4.85
C ALA A 201 -6.37 8.99 -4.49
N VAL A 202 -6.61 9.97 -5.38
CA VAL A 202 -7.74 10.92 -5.25
C VAL A 202 -9.10 10.21 -5.16
N ALA A 203 -9.29 9.21 -6.04
CA ALA A 203 -10.51 8.40 -6.05
C ALA A 203 -10.67 7.51 -4.80
N VAL A 204 -9.58 6.88 -4.39
CA VAL A 204 -9.56 6.04 -3.18
C VAL A 204 -9.99 6.84 -1.94
N LEU A 205 -9.44 8.04 -1.79
CA LEU A 205 -9.62 8.83 -0.57
C LEU A 205 -10.82 9.80 -0.63
N GLY A 206 -11.51 9.85 -1.75
CA GLY A 206 -12.60 10.80 -1.96
C GLY A 206 -12.17 12.25 -1.86
N VAL A 207 -10.97 12.55 -2.37
CA VAL A 207 -10.47 13.93 -2.42
C VAL A 207 -11.06 14.51 -3.67
N GLU A 208 -11.51 15.75 -3.60
CA GLU A 208 -12.14 16.37 -4.74
C GLU A 208 -11.11 17.19 -5.49
N THR A 209 -11.00 16.98 -6.80
CA THR A 209 -10.11 17.82 -7.62
C THR A 209 -10.80 19.14 -7.91
N PHE A 210 -10.03 20.13 -8.35
CA PHE A 210 -10.62 21.41 -8.72
C PHE A 210 -11.57 21.20 -9.91
N HIS A 211 -11.27 20.23 -10.77
CA HIS A 211 -12.11 19.99 -11.93
C HIS A 211 -13.49 19.48 -11.51
N ALA A 212 -13.51 18.46 -10.66
CA ALA A 212 -14.78 17.90 -10.17
C ALA A 212 -15.63 18.96 -9.46
N VAL A 213 -15.02 19.71 -8.54
CA VAL A 213 -15.72 20.75 -7.77
C VAL A 213 -16.15 21.91 -8.68
N GLY A 214 -15.28 22.25 -9.64
CA GLY A 214 -15.57 23.25 -10.66
C GLY A 214 -16.84 22.90 -11.40
N LEU A 215 -16.90 21.66 -11.90
CA LEU A 215 -18.02 21.17 -12.69
C LEU A 215 -19.30 20.99 -11.85
N GLU A 216 -19.16 20.53 -10.60
CA GLU A 216 -20.30 20.31 -9.69
C GLU A 216 -20.93 21.61 -9.18
N LYS A 217 -20.11 22.45 -8.57
CA LYS A 217 -20.55 23.66 -7.91
C LYS A 217 -20.48 24.95 -8.73
N TYR A 218 -19.56 25.04 -9.69
CA TYR A 218 -19.18 26.32 -10.31
C TYR A 218 -19.09 26.20 -11.82
N ALA A 219 -20.04 25.49 -12.40
CA ALA A 219 -19.91 24.98 -13.76
C ALA A 219 -19.58 25.98 -14.85
N ASP A 220 -20.05 27.22 -14.71
CA ASP A 220 -19.84 28.23 -15.78
C ASP A 220 -18.89 29.33 -15.35
N GLU A 221 -18.17 29.10 -14.25
CA GLU A 221 -17.32 30.12 -13.63
C GLU A 221 -15.82 29.84 -13.81
N CYS A 222 -15.45 28.99 -14.77
CA CYS A 222 -14.01 28.69 -14.96
C CYS A 222 -13.19 29.95 -15.36
N PRO A 223 -12.18 30.33 -14.53
CA PRO A 223 -11.42 31.56 -14.85
C PRO A 223 -10.36 31.43 -15.93
N LEU A 224 -10.12 30.23 -16.46
CA LEU A 224 -9.19 30.04 -17.57
C LEU A 224 -9.93 29.87 -18.87
N VAL A 225 -9.39 30.46 -19.93
CA VAL A 225 -9.84 30.22 -21.29
C VAL A 225 -9.01 29.11 -21.88
N ASP A 226 -9.67 28.13 -22.50
CA ASP A 226 -9.00 27.01 -23.13
C ASP A 226 -8.30 27.46 -24.40
N PRO A 227 -6.98 27.17 -24.54
CA PRO A 227 -6.27 27.71 -25.69
C PRO A 227 -6.65 27.05 -27.04
N VAL A 228 -7.36 25.93 -27.02
CA VAL A 228 -7.78 25.30 -28.29
C VAL A 228 -9.14 25.79 -28.78
N THR A 229 -10.10 25.80 -27.88
CA THR A 229 -11.49 26.11 -28.22
C THR A 229 -11.86 27.57 -27.91
N GLY A 230 -11.08 28.22 -27.06
CA GLY A 230 -11.40 29.56 -26.59
C GLY A 230 -12.57 29.63 -25.61
N LEU A 231 -13.02 28.50 -25.08
CA LEU A 231 -14.16 28.43 -24.17
C LEU A 231 -13.67 28.32 -22.73
N ARG A 232 -14.48 28.82 -21.80
CA ARG A 232 -14.16 28.73 -20.38
C ARG A 232 -14.62 27.37 -19.84
N THR A 233 -13.93 26.32 -20.26
CA THR A 233 -14.23 24.97 -19.83
C THR A 233 -13.20 24.56 -18.80
N TRP A 234 -13.64 23.92 -17.73
CA TRP A 234 -12.73 23.54 -16.65
C TRP A 234 -11.76 22.48 -17.20
N PRO A 235 -10.44 22.76 -17.18
CA PRO A 235 -9.51 21.70 -17.59
C PRO A 235 -9.48 20.59 -16.54
N THR A 236 -9.14 19.38 -16.99
CA THR A 236 -9.12 18.20 -16.10
C THR A 236 -7.99 18.21 -15.06
N GLU A 237 -6.84 18.80 -15.43
CA GLU A 237 -5.74 19.09 -14.47
C GLU A 237 -5.27 20.50 -14.70
N VAL A 238 -4.49 21.04 -13.77
CA VAL A 238 -3.82 22.31 -13.98
C VAL A 238 -2.95 22.23 -15.24
N PRO A 239 -3.07 23.22 -16.15
CA PRO A 239 -2.23 23.25 -17.38
C PRO A 239 -0.74 23.16 -17.07
N SER A 240 -0.02 22.41 -17.88
CA SER A 240 1.42 22.47 -17.84
C SER A 240 1.84 23.51 -18.86
N ARG A 241 3.11 23.93 -18.81
CA ARG A 241 3.62 25.02 -19.64
C ARG A 241 3.62 24.62 -21.12
N PRO A 242 3.33 25.55 -22.02
CA PRO A 242 3.23 25.15 -23.43
C PRO A 242 4.61 25.00 -24.07
N GLY A 243 4.69 24.24 -25.15
CA GLY A 243 5.92 24.15 -25.97
C GLY A 243 5.79 24.94 -27.27
N PRO A 244 6.66 24.70 -28.27
CA PRO A 244 6.58 25.42 -29.56
C PRO A 244 5.18 25.39 -30.26
N SER A 245 4.45 24.31 -30.05
CA SER A 245 3.06 24.17 -30.54
C SER A 245 2.06 25.15 -29.94
N GLY A 246 2.37 25.78 -28.80
CA GLY A 246 1.42 26.56 -28.04
C GLY A 246 0.56 25.73 -27.07
N LEU A 247 0.78 24.43 -27.04
CA LEU A 247 0.03 23.50 -26.18
C LEU A 247 1.01 22.70 -25.35
N SER A 248 0.50 22.02 -24.33
CA SER A 248 1.34 21.33 -23.37
C SER A 248 2.07 20.11 -23.93
N TRP A 249 1.61 19.51 -25.05
CA TRP A 249 2.14 18.21 -25.44
C TRP A 249 3.65 18.23 -25.75
N ASP A 250 4.17 19.34 -26.28
CA ASP A 250 5.62 19.48 -26.56
C ASP A 250 6.27 20.48 -25.61
N GLY A 251 5.58 20.76 -24.51
CA GLY A 251 6.18 21.60 -23.46
C GLY A 251 7.12 20.85 -22.58
N PRO A 252 7.71 21.55 -21.59
CA PRO A 252 8.64 20.94 -20.67
C PRO A 252 8.04 19.93 -19.68
N GLY A 253 6.73 20.03 -19.39
CA GLY A 253 6.02 19.19 -18.42
C GLY A 253 6.00 19.77 -17.00
N GLU A 254 6.36 21.04 -16.88
CA GLU A 254 6.37 21.77 -15.60
C GLU A 254 4.99 22.43 -15.49
N ILE A 255 4.44 22.53 -14.29
CA ILE A 255 3.15 23.18 -14.07
C ILE A 255 3.24 24.70 -14.47
N ASP A 256 2.19 25.21 -15.10
CA ASP A 256 2.05 26.66 -15.43
C ASP A 256 1.66 27.37 -14.15
N VAL A 257 2.60 28.10 -13.59
CA VAL A 257 2.44 28.70 -12.27
C VAL A 257 1.32 29.77 -12.29
N ASP A 258 1.25 30.54 -13.37
N ASP A 258 1.23 30.55 -13.36
CA ASP A 258 0.19 31.53 -13.56
CA ASP A 258 0.16 31.51 -13.45
C ASP A 258 -1.20 30.90 -13.52
C ASP A 258 -1.23 30.88 -13.49
N ALA A 259 -1.40 29.84 -14.31
CA ALA A 259 -2.67 29.11 -14.33
C ALA A 259 -3.02 28.50 -12.96
N LEU A 260 -2.03 27.93 -12.29
CA LEU A 260 -2.23 27.39 -10.95
C LEU A 260 -2.74 28.51 -10.03
N ALA A 261 -2.11 29.67 -10.10
CA ALA A 261 -2.41 30.76 -9.18
C ALA A 261 -3.84 31.29 -9.38
N VAL A 262 -4.28 31.35 -10.64
CA VAL A 262 -5.63 31.73 -10.98
C VAL A 262 -6.64 30.73 -10.42
N LEU A 263 -6.34 29.44 -10.56
CA LEU A 263 -7.25 28.39 -10.10
C LEU A 263 -7.30 28.33 -8.58
N VAL A 264 -6.15 28.42 -7.94
CA VAL A 264 -6.13 28.44 -6.47
C VAL A 264 -6.88 29.65 -5.90
N GLU A 265 -6.62 30.85 -6.43
CA GLU A 265 -7.35 32.07 -6.03
C GLU A 265 -8.87 31.89 -6.04
N PHE A 266 -9.36 31.33 -7.14
CA PHE A 266 -10.77 31.08 -7.32
C PHE A 266 -11.40 30.28 -6.18
N PHE A 267 -10.81 29.14 -5.85
CA PHE A 267 -11.36 28.26 -4.83
C PHE A 267 -11.04 28.80 -3.45
N ALA A 268 -9.87 29.41 -3.29
CA ALA A 268 -9.49 30.01 -2.00
C ALA A 268 -10.45 31.16 -1.62
N ALA A 269 -10.82 31.98 -2.59
CA ALA A 269 -11.77 33.10 -2.38
C ALA A 269 -13.12 32.60 -1.85
N LYS A 270 -13.52 31.41 -2.29
CA LYS A 270 -14.77 30.78 -1.88
C LYS A 270 -14.72 30.01 -0.55
N GLY A 271 -13.58 30.02 0.14
CA GLY A 271 -13.45 29.41 1.45
C GLY A 271 -12.89 27.99 1.53
N HIS A 272 -12.63 27.34 0.38
CA HIS A 272 -12.04 25.98 0.36
C HIS A 272 -10.60 25.99 0.85
N PRO A 273 -10.20 25.01 1.68
CA PRO A 273 -8.78 24.81 1.90
C PRO A 273 -8.19 24.15 0.66
N VAL A 274 -6.87 24.20 0.53
CA VAL A 274 -6.22 23.92 -0.75
C VAL A 274 -5.11 22.86 -0.57
N PHE A 275 -5.14 21.84 -1.42
CA PHE A 275 -4.09 20.84 -1.54
C PHE A 275 -3.42 21.02 -2.91
N VAL A 276 -2.09 21.11 -2.91
CA VAL A 276 -1.35 21.21 -4.15
C VAL A 276 -0.25 20.12 -4.18
N ASN A 277 -0.28 19.29 -5.22
CA ASN A 277 0.80 18.35 -5.50
C ASN A 277 1.74 18.96 -6.56
N LEU A 278 3.04 18.95 -6.28
CA LEU A 278 4.09 19.38 -7.20
C LEU A 278 5.06 18.23 -7.49
N ASN A 279 5.30 18.03 -8.79
CA ASN A 279 6.13 16.95 -9.31
C ASN A 279 7.57 17.38 -9.41
N LEU A 280 8.44 16.68 -8.67
CA LEU A 280 9.87 16.88 -8.71
C LEU A 280 10.46 15.70 -9.48
N GLY A 281 10.36 15.75 -10.80
CA GLY A 281 10.88 14.69 -11.64
C GLY A 281 9.70 13.92 -12.17
N SER A 282 8.96 14.56 -13.07
CA SER A 282 7.68 14.00 -13.56
C SER A 282 7.92 12.72 -14.34
N THR A 283 6.88 11.93 -14.45
CA THR A 283 7.06 10.53 -14.90
C THR A 283 7.51 10.40 -16.35
N PHE A 284 6.93 11.16 -17.27
CA PHE A 284 7.31 11.00 -18.67
C PHE A 284 8.43 11.93 -19.15
N LYS A 285 8.41 13.18 -18.70
CA LYS A 285 9.35 14.20 -19.16
C LYS A 285 10.46 14.52 -18.14
N GLY A 286 10.37 13.98 -16.94
CA GLY A 286 11.31 14.25 -15.88
C GLY A 286 11.43 15.70 -15.46
N ALA A 287 10.33 16.45 -15.61
CA ALA A 287 10.31 17.88 -15.35
C ALA A 287 10.29 18.10 -13.85
N HIS A 288 10.74 19.25 -13.45
CA HIS A 288 10.65 19.68 -12.06
C HIS A 288 9.76 20.93 -12.00
N ASP A 289 8.59 20.78 -11.38
CA ASP A 289 7.72 21.92 -11.07
C ASP A 289 8.52 22.87 -10.20
N ASP A 290 8.39 24.16 -10.48
CA ASP A 290 9.17 25.18 -9.80
C ASP A 290 8.53 25.44 -8.45
N VAL A 291 8.93 24.65 -7.46
CA VAL A 291 8.29 24.63 -6.13
C VAL A 291 8.41 26.00 -5.44
N ARG A 292 9.60 26.60 -5.48
CA ARG A 292 9.81 27.94 -4.91
C ARG A 292 8.90 29.01 -5.57
N ALA A 293 8.84 29.04 -6.91
CA ALA A 293 7.96 29.98 -7.62
C ALA A 293 6.50 29.79 -7.25
N VAL A 294 6.06 28.53 -7.21
CA VAL A 294 4.66 28.23 -6.82
C VAL A 294 4.37 28.80 -5.44
N CYS A 295 5.26 28.53 -4.51
CA CYS A 295 5.10 28.94 -3.11
C CYS A 295 5.08 30.47 -2.96
N GLU A 296 6.00 31.14 -3.66
CA GLU A 296 6.02 32.60 -3.67
C GLU A 296 4.72 33.18 -4.24
N ARG A 297 4.22 32.59 -5.32
CA ARG A 297 3.02 33.05 -5.96
C ARG A 297 1.79 32.77 -5.08
N LEU A 298 1.73 31.62 -4.39
CA LEU A 298 0.56 31.26 -3.64
C LEU A 298 0.48 31.82 -2.23
N LEU A 299 1.62 32.03 -1.58
CA LEU A 299 1.55 32.51 -0.20
C LEU A 299 0.62 33.75 -0.03
N PRO A 300 0.79 34.82 -0.86
CA PRO A 300 -0.11 35.99 -0.71
C PRO A 300 -1.58 35.70 -0.94
N ILE A 301 -1.88 34.77 -1.85
CA ILE A 301 -3.24 34.27 -2.02
C ILE A 301 -3.79 33.59 -0.72
N PHE A 302 -2.97 32.76 -0.09
CA PHE A 302 -3.33 32.11 1.16
C PHE A 302 -3.50 33.16 2.30
N GLU A 303 -2.64 34.16 2.35
CA GLU A 303 -2.72 35.18 3.40
C GLU A 303 -3.99 36.05 3.25
N ARG A 304 -4.25 36.48 2.01
CA ARG A 304 -5.43 37.28 1.69
C ARG A 304 -6.73 36.57 2.05
N HIS A 305 -6.76 35.24 1.91
CA HIS A 305 -7.97 34.48 2.13
C HIS A 305 -8.00 33.70 3.43
N GLY A 306 -7.12 34.05 4.36
CA GLY A 306 -7.14 33.50 5.70
C GLY A 306 -6.76 32.02 5.81
N LEU A 307 -5.88 31.54 4.92
CA LEU A 307 -5.47 30.12 4.92
C LEU A 307 -4.13 29.83 5.57
N VAL A 308 -3.43 30.86 6.04
CA VAL A 308 -2.15 30.64 6.72
C VAL A 308 -2.43 30.14 8.13
N GLN A 309 -3.39 30.78 8.79
CA GLN A 309 -3.86 30.36 10.11
C GLN A 309 -5.38 30.49 10.09
N ARG A 310 -6.08 29.42 10.40
N ARG A 310 -6.04 29.34 10.31
CA ARG A 310 -7.51 29.50 10.45
CA ARG A 310 -7.50 29.14 10.29
C ARG A 310 -8.03 28.51 11.43
C ARG A 310 -7.90 28.51 11.60
N GLU A 311 -8.98 28.96 12.24
CA GLU A 311 -9.66 28.15 13.25
C GLU A 311 -10.40 27.03 12.52
N VAL A 312 -10.33 25.80 13.03
CA VAL A 312 -11.00 24.66 12.39
C VAL A 312 -11.81 23.94 13.43
N VAL A 313 -13.10 23.73 13.14
CA VAL A 313 -13.95 22.93 14.01
C VAL A 313 -13.63 21.44 13.76
N TYR A 314 -13.16 20.78 14.81
CA TYR A 314 -12.79 19.36 14.75
C TYR A 314 -13.74 18.44 15.52
N GLY A 315 -14.94 18.93 15.81
CA GLY A 315 -15.96 18.17 16.54
C GLY A 315 -16.75 19.04 17.50
N SER A 316 -17.25 18.43 18.58
CA SER A 316 -18.00 19.12 19.61
C SER A 316 -18.23 18.21 20.82
N CYS A 317 -17.90 18.69 22.02
CA CYS A 317 -18.23 17.98 23.26
C CYS A 317 -19.68 18.33 23.65
N PRO A 318 -20.54 17.32 23.91
CA PRO A 318 -21.92 17.57 24.37
C PRO A 318 -22.03 18.52 25.57
N GLN A 319 -23.20 19.17 25.68
CA GLN A 319 -23.48 20.30 26.61
C GLN A 319 -23.15 21.65 25.97
N THR A 320 -24.02 22.08 25.07
CA THR A 320 -24.00 23.42 24.44
C THR A 320 -22.61 23.92 24.01
N GLY A 321 -21.81 23.02 23.42
CA GLY A 321 -20.47 23.34 22.92
C GLY A 321 -20.31 22.83 21.51
N ARG A 322 -21.07 23.40 20.59
CA ARG A 322 -21.15 22.90 19.20
C ARG A 322 -19.88 23.09 18.35
N PRO A 323 -18.97 24.02 18.75
CA PRO A 323 -17.66 24.04 18.10
C PRO A 323 -16.51 23.78 19.07
N LEU A 324 -15.87 22.61 18.94
CA LEU A 324 -14.48 22.42 19.39
C LEU A 324 -13.59 22.88 18.23
N VAL A 325 -12.58 23.69 18.56
CA VAL A 325 -11.84 24.44 17.55
C VAL A 325 -10.34 24.48 17.88
N ASP A 326 -9.51 24.09 16.92
CA ASP A 326 -8.07 24.37 16.96
C ASP A 326 -7.63 25.18 15.73
N VAL A 327 -6.40 25.68 15.77
CA VAL A 327 -5.86 26.56 14.71
C VAL A 327 -4.88 25.78 13.79
N ARG A 328 -5.13 25.82 12.49
CA ARG A 328 -4.35 25.06 11.50
C ARG A 328 -4.06 25.93 10.31
N ARG A 329 -3.11 25.53 9.48
CA ARG A 329 -2.99 26.15 8.17
C ARG A 329 -4.08 25.51 7.32
N GLY A 330 -4.55 26.27 6.33
CA GLY A 330 -5.60 25.83 5.41
C GLY A 330 -5.10 25.47 4.02
N PHE A 331 -3.78 25.25 3.89
CA PHE A 331 -3.22 24.73 2.66
C PHE A 331 -2.22 23.62 3.01
N TRP A 332 -1.97 22.76 2.04
CA TRP A 332 -0.98 21.67 2.19
C TRP A 332 -0.28 21.52 0.87
N ILE A 333 1.03 21.78 0.85
CA ILE A 333 1.80 21.59 -0.36
C ILE A 333 2.60 20.28 -0.21
N HIS A 334 2.39 19.38 -1.16
CA HIS A 334 3.05 18.09 -1.21
C HIS A 334 3.95 18.03 -2.41
N VAL A 335 5.15 17.47 -2.21
CA VAL A 335 6.10 17.29 -3.29
C VAL A 335 6.19 15.80 -3.64
N ASP A 336 5.69 15.42 -4.82
CA ASP A 336 5.88 14.11 -5.34
C ASP A 336 7.32 14.00 -5.91
N GLY A 337 8.24 13.62 -5.04
CA GLY A 337 9.65 13.43 -5.41
C GLY A 337 10.00 11.98 -5.65
N ALA A 338 9.00 11.17 -6.04
CA ALA A 338 9.19 9.72 -6.31
C ALA A 338 10.58 9.49 -6.90
N LEU A 339 10.86 10.26 -7.95
CA LEU A 339 12.18 10.18 -8.58
C LEU A 339 13.10 11.27 -8.01
N GLY A 340 12.70 12.53 -8.13
CA GLY A 340 13.68 13.60 -8.08
C GLY A 340 14.13 13.97 -6.68
N ALA A 341 13.42 13.57 -5.67
CA ALA A 341 13.86 13.83 -4.27
C ALA A 341 15.14 13.08 -3.90
N GLY A 342 15.45 12.03 -4.65
CA GLY A 342 16.68 11.26 -4.49
C GLY A 342 17.92 11.91 -5.10
N TYR A 343 17.76 12.76 -6.12
CA TYR A 343 18.94 13.42 -6.75
C TYR A 343 18.99 14.95 -6.65
N ALA A 344 17.83 15.59 -6.48
CA ALA A 344 17.77 17.04 -6.58
C ALA A 344 18.61 17.72 -5.51
N PRO A 345 18.61 17.20 -4.28
CA PRO A 345 19.48 17.85 -3.27
C PRO A 345 20.97 17.86 -3.68
N PHE A 346 21.41 16.77 -4.33
CA PHE A 346 22.81 16.68 -4.77
C PHE A 346 23.12 17.62 -5.93
N LEU A 347 22.23 17.72 -6.92
CA LEU A 347 22.38 18.74 -7.95
C LEU A 347 22.44 20.13 -7.35
N ARG A 348 21.56 20.45 -6.39
CA ARG A 348 21.55 21.78 -5.77
C ARG A 348 22.77 22.08 -4.88
N LEU A 349 23.32 21.03 -4.27
CA LEU A 349 24.61 21.11 -3.59
C LEU A 349 25.74 21.53 -4.55
N ALA A 350 25.77 20.96 -5.76
CA ALA A 350 26.72 21.38 -6.79
C ALA A 350 26.48 22.83 -7.22
N ALA A 351 25.22 23.19 -7.44
CA ALA A 351 24.88 24.54 -7.86
C ALA A 351 25.38 25.58 -6.85
N GLU A 352 25.33 25.26 -5.56
CA GLU A 352 25.83 26.12 -4.48
C GLU A 352 27.35 26.26 -4.44
N ASP A 353 28.08 25.20 -4.80
CA ASP A 353 29.55 25.21 -4.77
C ASP A 353 30.12 24.57 -6.04
N PRO A 354 30.00 25.25 -7.19
CA PRO A 354 30.38 24.58 -8.44
C PRO A 354 31.88 24.29 -8.58
N GLU A 355 32.73 25.11 -7.97
CA GLU A 355 34.16 24.87 -8.05
C GLU A 355 34.60 23.78 -7.05
N GLY A 356 33.90 23.63 -5.94
CA GLY A 356 34.15 22.54 -4.98
C GLY A 356 33.90 21.16 -5.57
N TYR A 357 32.83 21.02 -6.37
CA TYR A 357 32.45 19.75 -6.99
C TYR A 357 32.92 19.62 -8.41
N GLY A 358 33.51 20.68 -8.96
CA GLY A 358 34.03 20.66 -10.31
C GLY A 358 32.97 20.52 -11.37
N TRP A 359 31.80 21.11 -11.11
CA TRP A 359 30.65 20.99 -12.00
C TRP A 359 29.66 22.12 -11.73
N THR A 360 29.25 22.79 -12.79
CA THR A 360 28.16 23.73 -12.75
C THR A 360 27.02 23.08 -13.46
N PRO A 361 25.95 22.73 -12.73
CA PRO A 361 24.80 22.15 -13.46
C PRO A 361 24.21 23.11 -14.51
N GLU A 362 23.88 22.60 -15.70
CA GLU A 362 23.36 23.42 -16.82
C GLU A 362 22.04 24.14 -16.46
N ALA A 363 21.14 23.45 -15.76
CA ALA A 363 19.84 23.98 -15.42
C ALA A 363 19.78 24.20 -13.91
N GLU A 364 18.94 25.16 -13.52
CA GLU A 364 18.64 25.44 -12.14
C GLU A 364 17.50 24.47 -11.73
N LEU A 365 17.64 23.79 -10.61
CA LEU A 365 16.52 23.03 -10.03
C LEU A 365 16.00 23.81 -8.83
N PRO A 366 14.65 24.01 -8.76
CA PRO A 366 14.02 24.81 -7.71
C PRO A 366 14.25 24.34 -6.27
N GLU A 367 14.39 25.29 -5.36
CA GLU A 367 14.23 24.96 -3.94
C GLU A 367 12.85 24.33 -3.71
N PHE A 368 12.84 23.18 -3.06
CA PHE A 368 11.65 22.36 -2.94
C PHE A 368 11.39 21.73 -1.58
N ASP A 369 12.26 21.92 -0.60
CA ASP A 369 12.23 21.02 0.54
C ASP A 369 11.66 21.68 1.79
N PHE A 370 11.83 21.01 2.94
CA PHE A 370 11.31 21.51 4.23
C PHE A 370 12.00 22.78 4.70
N GLY A 371 13.12 23.14 4.06
CA GLY A 371 13.83 24.39 4.37
C GLY A 371 13.24 25.64 3.72
N LEU A 372 12.36 25.48 2.74
CA LEU A 372 11.78 26.59 2.03
C LEU A 372 10.84 27.38 2.93
N ARG A 373 11.25 28.61 3.25
CA ARG A 373 10.50 29.48 4.14
C ARG A 373 10.32 30.84 3.50
N LEU A 374 9.13 31.41 3.58
CA LEU A 374 8.84 32.70 2.93
C LEU A 374 8.26 33.69 3.92
N PRO A 375 8.62 34.99 3.76
CA PRO A 375 8.04 36.00 4.65
C PRO A 375 6.62 36.33 4.26
N THR A 376 5.85 36.77 5.24
CA THR A 376 4.47 37.21 5.02
C THR A 376 4.26 38.66 5.46
N ALA A 377 3.15 39.24 5.02
CA ALA A 377 2.68 40.55 5.48
C ALA A 377 2.47 40.64 7.01
N GLY A 378 1.83 39.63 7.61
CA GLY A 378 1.55 39.65 9.07
C GLY A 378 1.42 38.33 9.84
N HIS A 379 2.14 37.28 9.42
CA HIS A 379 2.22 36.01 10.19
C HIS A 379 3.67 35.46 10.37
N GLY A 380 4.68 36.30 10.14
CA GLY A 380 6.09 35.88 10.20
C GLY A 380 6.47 35.01 9.01
N GLU A 381 7.59 34.28 9.13
CA GLU A 381 8.03 33.37 8.07
C GLU A 381 7.23 32.07 8.10
N VAL A 382 6.80 31.59 6.92
CA VAL A 382 6.03 30.37 6.78
C VAL A 382 6.88 29.30 6.08
N ASP A 383 6.93 28.14 6.71
CA ASP A 383 7.54 26.93 6.15
C ASP A 383 6.51 26.29 5.22
N MET A 384 6.83 26.29 3.94
CA MET A 384 5.83 26.12 2.88
C MET A 384 5.41 24.68 2.55
N VAL A 385 6.36 23.74 2.55
CA VAL A 385 6.06 22.38 2.14
C VAL A 385 5.61 21.59 3.37
N SER A 386 4.54 20.81 3.20
CA SER A 386 4.00 19.97 4.26
C SER A 386 4.48 18.50 4.19
N SER A 387 4.70 17.97 2.98
CA SER A 387 5.14 16.58 2.86
C SER A 387 5.91 16.36 1.58
N ILE A 388 6.74 15.31 1.59
CA ILE A 388 7.49 14.81 0.45
C ILE A 388 7.38 13.27 0.38
N ALA A 389 7.19 12.72 -0.82
CA ALA A 389 7.41 11.28 -1.11
C ALA A 389 8.61 11.03 -2.02
N MET A 390 9.29 9.90 -1.79
CA MET A 390 10.36 9.44 -2.65
C MET A 390 10.32 7.90 -2.79
N SER A 391 10.64 7.40 -3.98
CA SER A 391 10.75 5.95 -4.24
C SER A 391 12.22 5.58 -4.17
N GLY A 392 12.59 4.58 -3.35
CA GLY A 392 13.97 4.07 -3.24
C GLY A 392 14.43 3.29 -4.45
N HIS A 393 13.50 2.63 -5.09
CA HIS A 393 13.79 1.83 -6.30
C HIS A 393 13.95 2.62 -7.59
N1 LLP A 394 4.96 9.63 -8.90
C2 LLP A 394 5.88 9.82 -9.86
C2' LLP A 394 6.27 11.22 -10.24
C3 LLP A 394 6.55 8.63 -10.41
O3 LLP A 394 7.49 8.73 -11.38
C4 LLP A 394 6.11 7.31 -9.95
C4' LLP A 394 6.75 6.10 -10.54
C5 LLP A 394 5.01 7.26 -8.92
C6 LLP A 394 4.51 8.46 -8.44
C5' LLP A 394 4.50 5.97 -8.34
OP4 LLP A 394 5.54 5.48 -7.54
P LLP A 394 5.86 3.90 -7.32
OP1 LLP A 394 7.14 3.95 -6.62
OP2 LLP A 394 4.66 3.39 -6.57
OP3 LLP A 394 5.74 3.37 -8.75
N LLP A 394 13.70 3.93 -7.57
CA LLP A 394 13.92 4.78 -8.73
CB LLP A 394 12.80 5.87 -8.84
CG LLP A 394 11.43 5.24 -9.07
CD LLP A 394 10.41 6.37 -9.31
CE LLP A 394 8.96 5.90 -9.27
NZ LLP A 394 8.19 6.23 -10.44
C LLP A 394 15.36 5.21 -8.78
O LLP A 394 16.18 4.49 -9.38
N TRP A 395 15.76 6.31 -8.14
CA TRP A 395 17.13 6.79 -8.26
C TRP A 395 18.18 5.90 -7.54
N ALA A 396 17.90 5.52 -6.29
CA ALA A 396 18.83 4.67 -5.54
C ALA A 396 18.93 3.29 -6.11
N GLY A 397 17.77 2.70 -6.46
CA GLY A 397 17.68 1.32 -6.87
C GLY A 397 17.43 0.36 -5.72
N ALA A 398 16.57 -0.60 -5.94
CA ALA A 398 16.24 -1.61 -4.95
C ALA A 398 15.71 -2.82 -5.72
N PRO A 399 15.74 -4.02 -5.10
CA PRO A 399 15.11 -5.18 -5.77
C PRO A 399 13.57 -5.22 -5.69
N TRP A 400 12.96 -4.29 -4.98
CA TRP A 400 11.48 -4.20 -4.91
C TRP A 400 11.09 -2.76 -4.58
N PRO A 401 9.78 -2.45 -4.69
CA PRO A 401 9.36 -1.09 -4.39
C PRO A 401 9.51 -0.73 -2.92
N CYS A 402 9.96 0.49 -2.68
CA CYS A 402 10.17 1.02 -1.32
C CYS A 402 10.21 2.51 -1.42
N GLY A 403 10.39 3.20 -0.30
CA GLY A 403 10.45 4.63 -0.36
C GLY A 403 10.26 5.30 0.99
N ILE A 404 9.96 6.61 0.96
CA ILE A 404 9.87 7.42 2.18
C ILE A 404 8.68 8.34 2.04
N TYR A 405 7.92 8.47 3.13
CA TYR A 405 6.97 9.54 3.27
C TYR A 405 7.50 10.38 4.43
N MET A 406 7.50 11.70 4.30
CA MET A 406 7.98 12.58 5.42
C MET A 406 7.09 13.82 5.49
N THR A 407 6.87 14.30 6.70
CA THR A 407 6.03 15.47 7.00
C THR A 407 6.60 15.98 8.33
N LYS A 408 5.79 16.69 9.13
CA LYS A 408 6.19 17.22 10.43
C LYS A 408 5.19 16.77 11.49
N VAL A 409 5.66 16.70 12.72
CA VAL A 409 4.87 16.27 13.85
C VAL A 409 3.55 17.04 13.93
N LYS A 410 3.58 18.33 13.63
CA LYS A 410 2.40 19.20 13.75
C LYS A 410 1.25 18.81 12.84
N TYR A 411 1.52 18.05 11.77
CA TYR A 411 0.48 17.54 10.86
C TYR A 411 -0.12 16.16 11.20
N GLN A 412 0.38 15.52 12.27
CA GLN A 412 -0.02 14.12 12.52
C GLN A 412 -1.47 13.98 13.00
N ILE A 413 -2.22 13.15 12.28
CA ILE A 413 -3.62 12.85 12.60
C ILE A 413 -3.71 11.81 13.72
N SER A 414 -4.75 11.94 14.54
CA SER A 414 -5.04 11.00 15.63
C SER A 414 -5.75 9.77 15.07
N PRO A 415 -5.20 8.55 15.30
CA PRO A 415 -5.82 7.35 14.74
C PRO A 415 -7.15 6.94 15.44
N PRO A 416 -7.92 5.95 14.87
CA PRO A 416 -9.17 5.48 15.51
C PRO A 416 -8.95 4.85 16.90
N SER A 417 -9.76 5.24 17.89
CA SER A 417 -9.54 4.82 19.29
C SER A 417 -9.80 3.31 19.54
N GLN A 418 -9.06 2.75 20.51
CA GLN A 418 -9.22 1.36 20.96
C GLN A 418 -8.80 1.19 22.45
N PRO A 419 -9.14 0.04 23.10
CA PRO A 419 -8.84 -0.14 24.54
C PRO A 419 -7.44 -0.66 24.94
N ASP A 420 -6.51 -0.78 23.98
CA ASP A 420 -5.10 -1.12 24.26
C ASP A 420 -4.32 0.20 24.33
N TYR A 421 -3.77 0.53 25.51
CA TYR A 421 -3.48 1.94 25.87
C TYR A 421 -2.04 2.51 25.80
N ILE A 422 -1.10 1.86 25.12
CA ILE A 422 0.15 2.56 24.72
C ILE A 422 -0.19 3.51 23.54
N GLY A 423 0.74 4.42 23.18
CA GLY A 423 0.44 5.59 22.32
C GLY A 423 -0.07 5.36 20.90
N ALA A 424 0.40 6.19 19.96
CA ALA A 424 -0.12 6.18 18.57
C ALA A 424 0.42 5.12 17.53
N PRO A 425 1.43 4.25 17.88
CA PRO A 425 2.06 3.32 16.91
C PRO A 425 1.41 2.84 15.59
N ASP A 426 0.09 2.74 15.45
CA ASP A 426 -0.46 2.63 14.09
C ASP A 426 -0.81 4.03 13.65
N THR A 427 0.16 4.65 13.00
CA THR A 427 -0.08 5.90 12.30
C THR A 427 0.51 5.78 10.90
N THR A 428 0.61 4.55 10.38
CA THR A 428 1.14 4.32 9.03
C THR A 428 0.08 3.68 8.11
N PHE A 429 0.33 3.78 6.81
CA PHE A 429 -0.59 3.23 5.78
C PHE A 429 -0.61 1.71 5.86
N ALA A 430 0.56 1.07 5.67
CA ALA A 430 0.74 -0.39 5.85
C ALA A 430 0.61 -0.82 7.32
N GLY A 431 0.27 -2.11 7.53
CA GLY A 431 0.07 -2.78 8.88
C GLY A 431 1.41 -3.43 9.25
N SER A 432 1.64 -4.68 8.85
CA SER A 432 3.01 -5.19 8.68
C SER A 432 3.74 -4.23 7.76
N ARG A 433 5.02 -4.00 8.02
CA ARG A 433 5.83 -3.14 7.20
C ARG A 433 7.17 -3.80 6.85
N ASN A 434 7.60 -3.55 5.62
CA ASN A 434 8.85 -4.06 5.08
C ASN A 434 10.02 -3.51 5.88
N GLY A 435 10.72 -4.42 6.57
CA GLY A 435 11.93 -4.10 7.32
C GLY A 435 13.21 -4.47 6.62
N PHE A 436 13.12 -5.00 5.39
CA PHE A 436 14.27 -5.28 4.56
C PHE A 436 14.65 -4.01 3.78
N SER A 437 13.65 -3.25 3.32
CA SER A 437 13.90 -2.03 2.57
C SER A 437 14.82 -1.06 3.34
N PRO A 438 14.61 -0.90 4.65
CA PRO A 438 15.57 -0.06 5.38
C PRO A 438 17.03 -0.49 5.16
N LEU A 439 17.26 -1.81 5.21
CA LEU A 439 18.63 -2.34 4.98
C LEU A 439 19.15 -2.00 3.61
N ILE A 440 18.31 -2.20 2.59
CA ILE A 440 18.69 -1.86 1.21
C ILE A 440 19.19 -0.40 1.10
N LEU A 441 18.37 0.52 1.57
CA LEU A 441 18.67 1.93 1.40
C LEU A 441 19.79 2.38 2.33
N TRP A 442 19.80 1.86 3.54
CA TRP A 442 20.93 2.09 4.46
C TRP A 442 22.27 1.66 3.80
N ASP A 443 22.27 0.49 3.18
CA ASP A 443 23.51 -0.04 2.59
C ASP A 443 23.97 0.85 1.41
N HIS A 444 23.03 1.16 0.52
CA HIS A 444 23.23 2.17 -0.51
C HIS A 444 23.84 3.48 0.02
N LEU A 445 23.15 4.13 0.94
CA LEU A 445 23.57 5.47 1.39
C LEU A 445 24.94 5.45 2.09
N SER A 446 25.23 4.34 2.76
CA SER A 446 26.50 4.17 3.49
C SER A 446 27.70 4.03 2.52
N ARG A 447 27.44 3.58 1.29
CA ARG A 447 28.45 3.37 0.27
C ARG A 447 28.80 4.63 -0.52
N TYR A 448 27.96 5.67 -0.48
CA TYR A 448 28.23 6.89 -1.27
C TYR A 448 28.31 8.10 -0.38
N SER A 449 29.36 8.88 -0.53
CA SER A 449 29.41 10.21 0.05
C SER A 449 28.51 11.18 -0.76
N TYR A 450 28.24 12.33 -0.15
CA TYR A 450 27.64 13.49 -0.84
C TYR A 450 28.32 13.75 -2.19
N ARG A 451 29.66 13.81 -2.15
CA ARG A 451 30.42 14.02 -3.40
C ARG A 451 30.17 12.89 -4.41
N ASP A 452 30.13 11.64 -3.97
CA ASP A 452 29.78 10.53 -4.87
C ASP A 452 28.36 10.67 -5.43
N GLN A 453 27.41 11.07 -4.59
CA GLN A 453 26.03 11.29 -5.07
C GLN A 453 25.94 12.44 -6.10
N VAL A 454 26.72 13.48 -5.89
CA VAL A 454 26.84 14.59 -6.88
C VAL A 454 27.34 14.08 -8.22
N GLU A 455 28.38 13.22 -8.19
CA GLU A 455 28.93 12.65 -9.40
C GLU A 455 27.91 11.80 -10.13
N ARG A 456 27.05 11.08 -9.41
CA ARG A 456 26.03 10.25 -10.08
C ARG A 456 25.04 11.10 -10.89
N ILE A 457 24.54 12.16 -10.28
CA ILE A 457 23.61 13.05 -10.98
C ILE A 457 24.31 13.87 -12.08
N ARG A 458 25.58 14.25 -11.83
CA ARG A 458 26.40 14.85 -12.90
C ARG A 458 26.51 13.97 -14.16
N GLU A 459 26.86 12.68 -14.01
CA GLU A 459 27.09 11.85 -15.20
C GLU A 459 25.82 11.60 -15.95
N ALA A 460 24.70 11.43 -15.20
CA ALA A 460 23.38 11.24 -15.80
C ALA A 460 22.92 12.48 -16.59
N GLN A 461 23.10 13.64 -16.00
CA GLN A 461 22.81 14.92 -16.71
C GLN A 461 23.63 15.07 -17.99
N GLU A 462 24.91 14.80 -17.90
CA GLU A 462 25.81 14.94 -19.06
C GLU A 462 25.53 13.86 -20.14
N LEU A 463 25.19 12.66 -19.71
CA LEU A 463 24.80 11.61 -20.66
C LEU A 463 23.43 11.86 -21.31
N ALA A 464 22.46 12.43 -20.58
CA ALA A 464 21.20 12.86 -21.20
C ALA A 464 21.43 13.94 -22.30
N ALA A 465 22.24 14.95 -22.00
CA ALA A 465 22.68 15.93 -23.04
C ALA A 465 23.33 15.26 -24.24
N TYR A 466 24.23 14.31 -24.00
CA TYR A 466 24.88 13.52 -25.06
C TYR A 466 23.88 12.77 -25.92
N LEU A 467 22.94 12.04 -25.28
CA LEU A 467 21.88 11.33 -26.03
C LEU A 467 21.07 12.29 -26.93
N GLU A 468 20.71 13.44 -26.37
CA GLU A 468 19.98 14.42 -27.17
C GLU A 468 20.83 14.90 -28.39
N ARG A 469 22.13 15.15 -28.18
CA ARG A 469 23.02 15.52 -29.31
C ARG A 469 23.11 14.41 -30.34
N ARG A 470 23.28 13.16 -29.86
CA ARG A 470 23.35 12.04 -30.78
C ARG A 470 22.10 11.79 -31.59
N LEU A 471 20.93 12.00 -30.97
CA LEU A 471 19.65 11.83 -31.70
C LEU A 471 19.46 12.88 -32.81
N THR A 472 19.79 14.13 -32.51
CA THR A 472 19.73 15.16 -33.57
C THR A 472 20.79 14.97 -34.70
N ALA A 473 21.96 14.40 -34.37
CA ALA A 473 22.99 14.05 -35.39
C ALA A 473 22.50 12.91 -36.28
N MET A 474 21.75 11.98 -35.69
CA MET A 474 21.20 10.85 -36.43
C MET A 474 20.13 11.30 -37.42
N GLU A 475 19.30 12.26 -37.01
CA GLU A 475 18.35 12.88 -37.92
C GLU A 475 19.06 13.44 -39.17
N ARG A 476 20.14 14.17 -38.94
CA ARG A 476 20.95 14.75 -40.04
C ARG A 476 21.69 13.71 -40.88
N GLU A 477 22.31 12.73 -40.24
CA GLU A 477 23.01 11.64 -40.94
C GLU A 477 22.07 10.82 -41.83
N LEU A 478 20.93 10.44 -41.29
CA LEU A 478 20.01 9.53 -41.98
C LEU A 478 18.87 10.20 -42.72
N GLY A 479 18.60 11.49 -42.48
CA GLY A 479 17.40 12.14 -43.03
C GLY A 479 16.07 11.59 -42.49
N VAL A 480 16.04 11.27 -41.20
CA VAL A 480 14.84 10.72 -40.54
C VAL A 480 14.46 11.69 -39.43
N GLU A 481 13.17 11.76 -39.13
CA GLU A 481 12.67 12.53 -38.01
C GLU A 481 12.67 11.62 -36.79
N LEU A 482 13.23 12.11 -35.68
CA LEU A 482 13.15 11.45 -34.40
C LEU A 482 12.37 12.25 -33.34
N TRP A 483 12.04 13.51 -33.61
CA TRP A 483 11.36 14.38 -32.69
C TRP A 483 12.00 14.43 -31.28
N PRO A 484 13.33 14.52 -31.20
CA PRO A 484 13.93 14.45 -29.85
C PRO A 484 13.58 15.64 -29.01
N ALA A 485 13.37 15.41 -27.72
CA ALA A 485 13.07 16.51 -26.80
C ALA A 485 13.63 16.16 -25.46
N ARG A 486 14.15 17.17 -24.80
CA ARG A 486 14.63 16.99 -23.45
C ARG A 486 14.39 18.31 -22.73
N THR A 487 13.65 18.24 -21.63
CA THR A 487 13.48 19.37 -20.71
C THR A 487 14.82 19.69 -20.03
N PRO A 488 15.29 20.96 -20.06
CA PRO A 488 16.54 21.34 -19.42
C PRO A 488 16.55 20.85 -17.99
N GLY A 489 17.64 20.21 -17.60
CA GLY A 489 17.75 19.62 -16.26
C GLY A 489 17.12 18.26 -16.03
N ALA A 490 16.45 17.68 -17.04
CA ALA A 490 15.87 16.34 -16.87
C ALA A 490 16.91 15.26 -17.20
N VAL A 491 16.71 14.07 -16.64
CA VAL A 491 17.57 12.93 -16.96
C VAL A 491 16.85 12.00 -17.94
N THR A 492 15.85 12.52 -18.67
CA THR A 492 15.16 11.72 -19.69
C THR A 492 15.09 12.43 -21.00
N VAL A 493 15.06 11.65 -22.08
CA VAL A 493 15.00 12.20 -23.41
C VAL A 493 13.92 11.42 -24.13
N ARG A 494 13.01 12.13 -24.80
CA ARG A 494 11.88 11.52 -25.51
C ARG A 494 12.17 11.58 -26.99
N PHE A 495 11.62 10.62 -27.73
CA PHE A 495 11.80 10.60 -29.18
C PHE A 495 10.80 9.65 -29.82
N ARG A 496 10.73 9.66 -31.14
CA ARG A 496 9.79 8.82 -31.87
C ARG A 496 9.90 7.32 -31.58
N LYS A 497 8.76 6.69 -31.32
CA LYS A 497 8.75 5.25 -30.99
C LYS A 497 9.23 4.41 -32.15
N PRO A 498 10.25 3.56 -31.93
CA PRO A 498 10.73 2.64 -32.94
C PRO A 498 9.88 1.35 -33.03
N SER A 499 10.36 0.31 -33.69
CA SER A 499 9.61 -0.95 -33.77
C SER A 499 9.33 -1.58 -32.41
N ALA A 500 8.25 -2.36 -32.36
CA ALA A 500 7.87 -3.08 -31.13
C ALA A 500 9.00 -3.94 -30.59
N GLU A 501 9.78 -4.55 -31.48
CA GLU A 501 10.88 -5.41 -31.04
C GLU A 501 11.98 -4.63 -30.33
N LEU A 502 12.31 -3.44 -30.85
CA LEU A 502 13.32 -2.64 -30.22
C LEU A 502 12.78 -2.12 -28.88
N VAL A 503 11.54 -1.65 -28.86
CA VAL A 503 10.87 -1.22 -27.61
C VAL A 503 10.91 -2.33 -26.54
N ALA A 504 10.58 -3.56 -26.96
CA ALA A 504 10.67 -4.70 -26.06
C ALA A 504 12.09 -5.07 -25.60
N LYS A 505 13.10 -4.91 -26.47
CA LYS A 505 14.46 -5.28 -26.11
C LYS A 505 15.01 -4.36 -25.02
N TRP A 506 14.78 -3.06 -25.18
CA TRP A 506 15.37 -2.04 -24.30
C TRP A 506 14.41 -1.49 -23.24
N SER A 507 13.26 -2.14 -23.07
CA SER A 507 12.21 -1.73 -22.15
C SER A 507 11.90 -0.24 -22.23
N LEU A 508 11.60 0.23 -23.42
CA LEU A 508 11.30 1.65 -23.64
C LEU A 508 9.86 1.97 -23.25
N SER A 509 9.65 2.81 -22.26
CA SER A 509 8.30 3.23 -21.90
C SER A 509 7.70 4.10 -23.03
N SER A 510 6.40 3.92 -23.30
CA SER A 510 5.70 4.65 -24.38
C SER A 510 4.67 5.63 -23.87
N GLN A 511 4.46 6.71 -24.62
CA GLN A 511 3.33 7.61 -24.42
C GLN A 511 2.84 8.09 -25.76
N ASP A 512 1.52 8.06 -25.94
CA ASP A 512 0.89 8.70 -27.08
C ASP A 512 0.44 10.07 -26.64
N VAL A 513 0.63 11.03 -27.53
CA VAL A 513 0.10 12.38 -27.34
C VAL A 513 -0.77 12.69 -28.54
N LEU A 514 -1.81 13.48 -28.30
CA LEU A 514 -2.55 14.10 -29.36
C LEU A 514 -2.00 15.52 -29.45
N MET A 515 -1.57 15.89 -30.65
CA MET A 515 -0.98 17.19 -30.87
C MET A 515 -2.01 18.32 -30.85
N VAL A 516 -3.29 18.00 -31.09
CA VAL A 516 -4.42 18.93 -30.89
C VAL A 516 -5.51 18.19 -30.11
N PRO A 517 -5.67 18.52 -28.80
CA PRO A 517 -6.57 17.78 -27.92
C PRO A 517 -7.95 17.52 -28.50
N GLY A 518 -8.41 16.27 -28.38
CA GLY A 518 -9.71 15.85 -28.92
C GLY A 518 -9.71 15.35 -30.35
N ASP A 519 -8.61 15.53 -31.09
CA ASP A 519 -8.52 15.09 -32.50
C ASP A 519 -7.55 13.92 -32.63
N GLU A 520 -8.11 12.75 -32.95
CA GLU A 520 -7.36 11.48 -32.95
C GLU A 520 -6.40 11.31 -34.15
N THR A 521 -6.60 12.11 -35.21
CA THR A 521 -5.70 12.07 -36.38
C THR A 521 -4.36 12.78 -36.15
N THR A 522 -4.19 13.44 -35.02
CA THR A 522 -2.91 14.09 -34.66
C THR A 522 -2.06 13.30 -33.62
N ARG A 523 -2.33 12.01 -33.47
CA ARG A 523 -1.63 11.19 -32.45
C ARG A 523 -0.19 11.01 -32.87
N ARG A 524 0.72 11.13 -31.92
CA ARG A 524 2.14 10.78 -32.12
C ARG A 524 2.50 9.82 -31.01
N SER A 525 3.32 8.83 -31.32
CA SER A 525 3.82 7.86 -30.36
C SER A 525 5.27 8.17 -30.00
N TYR A 526 5.49 8.44 -28.72
CA TYR A 526 6.81 8.68 -28.18
C TYR A 526 7.29 7.50 -27.35
N VAL A 527 8.62 7.39 -27.25
CA VAL A 527 9.24 6.64 -26.19
C VAL A 527 10.13 7.61 -25.43
N HIS A 528 10.64 7.17 -24.28
CA HIS A 528 11.75 7.85 -23.63
C HIS A 528 12.81 6.92 -23.10
N VAL A 529 14.00 7.49 -22.87
CA VAL A 529 15.08 6.81 -22.24
C VAL A 529 15.35 7.61 -20.97
N PHE A 530 15.43 6.93 -19.86
CA PHE A 530 15.87 7.51 -18.59
C PHE A 530 17.32 7.20 -18.33
N VAL A 531 18.15 8.24 -18.16
CA VAL A 531 19.57 8.02 -17.89
C VAL A 531 19.75 7.93 -16.37
N MET A 532 19.66 6.70 -15.84
CA MET A 532 19.92 6.45 -14.41
C MET A 532 21.42 6.16 -14.22
N PRO A 533 21.89 6.13 -12.97
CA PRO A 533 23.31 5.84 -12.75
C PRO A 533 23.82 4.51 -13.33
N SER A 534 22.95 3.53 -13.56
CA SER A 534 23.38 2.28 -14.20
C SER A 534 23.39 2.36 -15.76
N VAL A 535 23.03 3.52 -16.32
CA VAL A 535 23.04 3.75 -17.77
C VAL A 535 24.32 4.51 -18.09
N ASP A 536 25.24 3.85 -18.80
CA ASP A 536 26.48 4.52 -19.25
C ASP A 536 26.51 4.78 -20.75
N ARG A 537 27.59 5.41 -21.19
CA ARG A 537 27.78 5.76 -22.60
C ARG A 537 27.66 4.59 -23.56
N ALA A 538 28.36 3.51 -23.23
CA ALA A 538 28.35 2.32 -24.06
C ALA A 538 26.93 1.78 -24.28
N LYS A 539 26.16 1.71 -23.21
CA LYS A 539 24.76 1.25 -23.33
C LYS A 539 23.95 2.15 -24.31
N LEU A 540 24.12 3.45 -24.16
CA LEU A 540 23.41 4.41 -25.03
C LEU A 540 23.91 4.30 -26.47
N ASP A 541 25.23 4.16 -26.67
CA ASP A 541 25.73 3.91 -28.02
C ASP A 541 25.23 2.62 -28.64
N ALA A 542 25.11 1.55 -27.85
CA ALA A 542 24.51 0.31 -28.38
C ALA A 542 23.03 0.49 -28.80
N LEU A 543 22.22 1.16 -27.99
CA LEU A 543 20.84 1.55 -28.39
C LEU A 543 20.80 2.44 -29.66
N LEU A 544 21.67 3.45 -29.70
CA LEU A 544 21.69 4.34 -30.87
C LEU A 544 22.01 3.60 -32.16
N ALA A 545 22.92 2.62 -32.08
CA ALA A 545 23.33 1.84 -33.25
C ALA A 545 22.18 1.01 -33.81
N GLU A 546 21.37 0.42 -32.93
CA GLU A 546 20.15 -0.30 -33.36
C GLU A 546 19.05 0.63 -33.82
N LEU A 547 18.90 1.76 -33.13
CA LEU A 547 17.94 2.78 -33.57
C LEU A 547 18.14 3.21 -35.03
N ALA A 548 19.41 3.34 -35.42
CA ALA A 548 19.80 3.77 -36.75
C ALA A 548 19.43 2.79 -37.88
N GLU A 549 19.21 1.52 -37.53
CA GLU A 549 18.84 0.47 -38.48
C GLU A 549 17.42 -0.05 -38.24
N ASP A 550 16.63 0.66 -37.45
CA ASP A 550 15.32 0.17 -37.03
C ASP A 550 14.32 0.38 -38.18
N PRO A 551 13.45 -0.62 -38.45
CA PRO A 551 12.55 -0.49 -39.62
C PRO A 551 11.51 0.63 -39.51
N VAL A 552 11.01 0.91 -38.29
CA VAL A 552 10.08 2.04 -38.10
C VAL A 552 10.80 3.38 -38.29
N ILE A 553 11.94 3.55 -37.63
CA ILE A 553 12.72 4.81 -37.73
C ILE A 553 13.17 5.13 -39.16
N LEU A 554 13.64 4.13 -39.88
CA LEU A 554 14.02 4.33 -41.27
C LEU A 554 12.77 4.49 -42.10
N GLY A 555 11.84 3.59 -41.86
CA GLY A 555 10.45 3.77 -42.25
C GLY A 555 10.22 3.68 -43.74
N ALA A 556 9.06 4.21 -44.14
CA ALA A 556 8.69 4.40 -45.54
C ALA A 556 7.42 5.26 -45.57
N GLU B 24 20.36 -4.39 23.25
CA GLU B 24 19.72 -4.26 21.91
C GLU B 24 20.73 -3.65 20.90
N LEU B 25 20.36 -2.58 20.19
CA LEU B 25 21.12 -2.07 19.06
C LEU B 25 21.27 -0.56 19.24
N ASP B 26 22.52 -0.10 19.10
CA ASP B 26 22.90 1.29 19.31
C ASP B 26 22.74 2.06 17.98
N GLY B 27 21.84 3.07 17.99
CA GLY B 27 21.70 4.00 16.86
C GLY B 27 23.00 4.63 16.39
N GLY B 28 23.93 4.95 17.30
CA GLY B 28 25.24 5.45 16.95
C GLY B 28 26.00 4.65 15.89
N ASP B 29 25.88 3.33 15.97
CA ASP B 29 26.44 2.41 14.96
C ASP B 29 25.82 2.54 13.57
N PHE B 30 24.60 3.09 13.46
CA PHE B 30 23.88 3.12 12.17
C PHE B 30 23.77 4.50 11.53
N ALA B 31 24.16 5.55 12.23
CA ALA B 31 24.16 6.93 11.69
C ALA B 31 24.93 6.95 10.39
N LEU B 32 24.35 7.60 9.40
CA LEU B 32 24.93 7.69 8.08
C LEU B 32 25.50 9.09 7.91
N PRO B 33 26.82 9.21 7.91
CA PRO B 33 27.45 10.52 7.72
C PRO B 33 27.45 11.00 6.28
N GLU B 34 27.62 12.31 6.10
CA GLU B 34 27.78 12.89 4.75
C GLU B 34 28.82 12.18 3.90
N GLY B 35 29.93 11.81 4.53
CA GLY B 35 31.02 11.17 3.84
C GLY B 35 30.93 9.67 3.60
N GLY B 36 29.83 9.03 4.00
CA GLY B 36 29.68 7.59 3.87
C GLY B 36 30.41 6.85 4.98
N LEU B 37 30.21 5.54 5.02
CA LEU B 37 30.91 4.64 5.95
C LEU B 37 31.91 3.78 5.17
N ASP B 38 33.07 3.50 5.76
CA ASP B 38 33.98 2.49 5.16
C ASP B 38 33.51 1.04 5.37
N ASP B 39 34.19 0.12 4.70
CA ASP B 39 33.79 -1.28 4.68
C ASP B 39 33.78 -1.93 6.08
N ASP B 40 34.64 -1.44 6.99
CA ASP B 40 34.71 -1.95 8.37
C ASP B 40 33.53 -1.50 9.23
N ARG B 41 33.22 -0.22 9.21
CA ARG B 41 32.04 0.26 9.94
C ARG B 41 30.76 -0.33 9.36
N ARG B 42 30.67 -0.44 8.04
CA ARG B 42 29.48 -1.02 7.43
C ARG B 42 29.27 -2.48 7.89
N LEU B 43 30.31 -3.28 7.78
CA LEU B 43 30.20 -4.67 8.19
C LEU B 43 29.94 -4.85 9.68
N ARG B 44 30.55 -4.04 10.53
CA ARG B 44 30.27 -4.16 11.94
C ARG B 44 28.79 -3.88 12.23
N ALA B 45 28.23 -2.87 11.56
CA ALA B 45 26.79 -2.57 11.74
C ALA B 45 25.87 -3.68 11.20
N LEU B 46 26.12 -4.17 9.98
CA LEU B 46 25.35 -5.29 9.50
C LEU B 46 25.49 -6.55 10.34
N ASP B 47 26.69 -6.87 10.80
CA ASP B 47 26.84 -7.99 11.76
C ASP B 47 25.97 -7.76 13.02
N ALA B 48 25.90 -6.53 13.54
CA ALA B 48 25.11 -6.28 14.77
C ALA B 48 23.63 -6.58 14.49
N VAL B 49 23.15 -6.14 13.33
CA VAL B 49 21.76 -6.32 12.90
C VAL B 49 21.49 -7.79 12.80
N ASP B 50 22.40 -8.51 12.13
CA ASP B 50 22.23 -9.96 11.91
C ASP B 50 22.25 -10.77 13.21
N GLU B 51 23.10 -10.37 14.14
CA GLU B 51 23.15 -11.04 15.44
C GLU B 51 21.86 -10.80 16.22
N TYR B 52 21.36 -9.57 16.22
CA TYR B 52 20.09 -9.22 16.83
C TYR B 52 18.96 -10.00 16.20
N LEU B 53 18.84 -9.89 14.88
CA LEU B 53 17.73 -10.55 14.17
C LEU B 53 17.75 -12.07 14.35
N THR B 54 18.93 -12.67 14.33
CA THR B 54 19.04 -14.12 14.40
C THR B 54 18.60 -14.66 15.74
N ARG B 55 19.09 -14.03 16.80
CA ARG B 55 18.63 -14.37 18.14
C ARG B 55 17.11 -14.21 18.29
N LYS B 56 16.54 -13.09 17.86
CA LYS B 56 15.09 -12.86 17.96
C LYS B 56 14.29 -13.81 17.09
N ARG B 57 14.71 -14.03 15.84
CA ARG B 57 13.98 -14.96 14.97
C ARG B 57 13.90 -16.37 15.56
N LYS B 58 14.99 -16.86 16.12
CA LYS B 58 15.00 -18.24 16.61
C LYS B 58 14.15 -18.46 17.87
N HIS B 59 13.86 -17.39 18.65
CA HIS B 59 12.95 -17.46 19.76
C HIS B 59 11.54 -16.90 19.50
N LEU B 60 11.26 -16.24 18.37
CA LEU B 60 9.92 -15.68 18.18
C LEU B 60 8.85 -16.79 18.19
N VAL B 61 7.90 -16.69 19.14
CA VAL B 61 6.74 -17.58 19.13
C VAL B 61 5.40 -16.84 19.33
N GLY B 62 5.41 -15.52 19.48
CA GLY B 62 4.18 -14.79 19.76
C GLY B 62 3.53 -14.05 18.63
N TYR B 63 3.97 -14.24 17.39
CA TYR B 63 3.28 -13.63 16.26
C TYR B 63 3.08 -14.70 15.20
N GLN B 64 2.05 -14.48 14.40
CA GLN B 64 1.63 -15.41 13.37
C GLN B 64 2.48 -15.22 12.12
N ALA B 65 3.77 -15.50 12.26
CA ALA B 65 4.74 -15.30 11.19
C ALA B 65 5.71 -16.47 11.16
N THR B 66 5.65 -17.27 10.09
CA THR B 66 6.58 -18.37 9.93
C THR B 66 8.03 -17.86 9.75
N GLN B 67 8.97 -18.42 10.55
CA GLN B 67 10.37 -17.92 10.67
C GLN B 67 11.46 -18.72 9.96
N ASP B 68 11.12 -19.90 9.43
CA ASP B 68 12.11 -20.74 8.77
C ASP B 68 11.86 -20.70 7.28
N MET B 69 12.85 -20.18 6.53
CA MET B 69 12.81 -20.09 5.08
C MET B 69 14.28 -20.10 4.52
N GLN B 70 15.01 -21.11 4.95
CA GLN B 70 16.43 -21.23 4.61
C GLN B 70 16.56 -21.63 3.15
N GLY B 71 15.66 -22.51 2.71
CA GLY B 71 15.59 -22.95 1.31
C GLY B 71 15.31 -21.84 0.32
N THR B 72 14.32 -20.97 0.64
CA THR B 72 14.07 -19.79 -0.21
C THR B 72 15.26 -18.84 -0.31
N ALA B 73 15.97 -18.63 0.80
CA ALA B 73 17.15 -17.79 0.76
C ALA B 73 18.23 -18.35 -0.17
N LEU B 74 18.47 -19.67 -0.12
CA LEU B 74 19.45 -20.29 -1.00
C LEU B 74 19.04 -20.20 -2.47
N ASP B 75 17.77 -20.48 -2.71
CA ASP B 75 17.25 -20.48 -4.08
C ASP B 75 17.19 -19.07 -4.67
N LEU B 76 16.91 -18.03 -3.86
CA LEU B 76 16.45 -16.75 -4.37
C LEU B 76 17.34 -15.52 -4.15
N ALA B 77 18.40 -15.67 -3.34
CA ALA B 77 19.38 -14.60 -3.16
C ALA B 77 20.00 -14.12 -4.48
N ARG B 78 20.15 -15.01 -5.46
CA ARG B 78 20.58 -14.66 -6.85
C ARG B 78 19.78 -13.53 -7.53
N PHE B 79 18.54 -13.30 -7.10
CA PHE B 79 17.69 -12.28 -7.71
C PHE B 79 17.85 -10.90 -7.08
N MET B 80 18.51 -10.85 -5.93
CA MET B 80 18.71 -9.55 -5.29
C MET B 80 19.34 -8.43 -6.13
N PRO B 81 20.24 -8.77 -7.08
CA PRO B 81 20.74 -7.71 -8.00
C PRO B 81 19.73 -7.11 -9.02
N ASN B 82 18.49 -7.63 -9.13
CA ASN B 82 17.55 -7.19 -10.14
C ASN B 82 16.52 -6.22 -9.53
N ASN B 83 16.30 -5.08 -10.18
CA ASN B 83 15.17 -4.21 -9.86
C ASN B 83 13.96 -4.73 -10.62
N ILE B 84 13.23 -5.64 -9.99
CA ILE B 84 12.09 -6.31 -10.59
C ILE B 84 10.87 -5.42 -10.33
N ASN B 85 10.02 -5.25 -11.35
CA ASN B 85 8.82 -4.43 -11.15
C ASN B 85 7.65 -4.98 -11.92
N ASN B 86 6.58 -5.36 -11.20
CA ASN B 86 5.37 -5.98 -11.79
C ASN B 86 4.24 -4.99 -11.97
N LEU B 87 4.66 -3.74 -12.23
CA LEU B 87 3.85 -2.64 -12.66
C LEU B 87 2.76 -3.05 -13.62
N GLY B 88 1.52 -2.67 -13.30
CA GLY B 88 0.34 -2.99 -14.11
C GLY B 88 -0.31 -4.31 -13.72
N ASP B 89 -1.33 -4.68 -14.46
CA ASP B 89 -2.16 -5.82 -14.17
C ASP B 89 -1.34 -7.10 -14.37
N PRO B 90 -1.51 -8.12 -13.51
CA PRO B 90 -0.71 -9.35 -13.64
C PRO B 90 -0.94 -10.10 -14.96
N PHE B 91 -2.06 -9.84 -15.63
CA PHE B 91 -2.49 -10.60 -16.81
C PHE B 91 -2.30 -9.80 -18.10
N GLN B 92 -1.62 -8.66 -17.99
CA GLN B 92 -1.26 -7.86 -19.15
C GLN B 92 0.22 -7.74 -19.27
N SER B 93 0.67 -7.74 -20.51
CA SER B 93 2.04 -7.33 -20.80
C SER B 93 2.16 -5.83 -20.53
N GLY B 94 3.39 -5.42 -20.27
CA GLY B 94 3.71 -4.00 -20.10
C GLY B 94 5.10 -3.74 -20.65
N GLY B 95 5.51 -2.48 -20.55
CA GLY B 95 6.80 -2.09 -21.05
C GLY B 95 7.98 -2.42 -20.15
N TYR B 96 7.75 -2.62 -18.85
CA TYR B 96 8.88 -2.80 -17.92
C TYR B 96 9.23 -4.29 -17.96
N LYS B 97 10.14 -4.68 -18.84
CA LYS B 97 10.31 -6.12 -19.10
C LYS B 97 10.96 -6.95 -17.97
N PRO B 98 11.77 -6.33 -17.10
CA PRO B 98 12.23 -7.09 -15.92
C PRO B 98 11.12 -7.25 -14.90
N ASN B 99 10.20 -8.13 -15.24
CA ASN B 99 9.10 -8.47 -14.37
C ASN B 99 8.92 -10.01 -14.28
N THR B 100 8.19 -10.42 -13.27
CA THR B 100 7.95 -11.82 -12.98
C THR B 100 6.46 -12.15 -13.10
N LYS B 101 5.76 -11.51 -14.03
CA LYS B 101 4.28 -11.64 -14.07
C LYS B 101 3.87 -13.08 -14.40
N VAL B 102 4.71 -13.80 -15.16
CA VAL B 102 4.46 -15.24 -15.45
C VAL B 102 4.47 -16.06 -14.17
N VAL B 103 5.36 -15.69 -13.25
CA VAL B 103 5.41 -16.35 -11.99
C VAL B 103 4.21 -15.94 -11.11
N GLU B 104 3.90 -14.65 -11.04
CA GLU B 104 2.75 -14.15 -10.25
C GLU B 104 1.50 -14.91 -10.65
N ARG B 105 1.33 -15.10 -11.96
CA ARG B 105 0.18 -15.82 -12.44
C ARG B 105 0.11 -17.25 -12.00
N ALA B 106 1.25 -17.94 -12.00
CA ALA B 106 1.30 -19.29 -11.52
C ALA B 106 0.86 -19.39 -10.07
N VAL B 107 1.34 -18.45 -9.27
CA VAL B 107 0.99 -18.41 -7.85
C VAL B 107 -0.50 -18.11 -7.66
N LEU B 108 -1.00 -17.08 -8.35
CA LEU B 108 -2.43 -16.75 -8.24
C LEU B 108 -3.30 -17.95 -8.70
N ASP B 109 -2.86 -18.63 -9.76
CA ASP B 109 -3.54 -19.85 -10.22
C ASP B 109 -3.61 -20.96 -9.15
N TYR B 110 -2.51 -21.15 -8.41
CA TYR B 110 -2.45 -22.12 -7.34
C TYR B 110 -3.46 -21.80 -6.28
N TYR B 111 -3.47 -20.55 -5.79
CA TYR B 111 -4.43 -20.13 -4.78
C TYR B 111 -5.91 -20.11 -5.30
N ALA B 112 -6.10 -19.76 -6.57
CA ALA B 112 -7.41 -19.82 -7.17
C ALA B 112 -7.96 -21.27 -7.09
N LYS B 113 -7.15 -22.26 -7.41
CA LYS B 113 -7.54 -23.69 -7.27
C LYS B 113 -7.84 -24.03 -5.82
N LEU B 114 -6.94 -23.61 -4.95
CA LEU B 114 -7.04 -23.95 -3.55
C LEU B 114 -8.31 -23.39 -2.91
N TRP B 115 -8.71 -22.19 -3.34
CA TRP B 115 -9.90 -21.50 -2.84
C TRP B 115 -11.15 -21.73 -3.72
N HIS B 116 -11.11 -22.76 -4.56
CA HIS B 116 -12.24 -23.10 -5.45
C HIS B 116 -12.78 -21.94 -6.32
N ALA B 117 -11.86 -21.11 -6.84
CA ALA B 117 -12.20 -20.04 -7.74
C ALA B 117 -12.18 -20.67 -9.13
N GLU B 118 -12.73 -19.97 -10.11
CA GLU B 118 -12.77 -20.48 -11.51
C GLU B 118 -11.54 -19.97 -12.27
N ARG B 119 -10.79 -20.91 -12.85
CA ARG B 119 -9.53 -20.71 -13.57
C ARG B 119 -9.74 -21.09 -15.03
N PRO B 120 -9.02 -20.51 -15.99
CA PRO B 120 -8.10 -19.43 -15.78
C PRO B 120 -8.85 -18.12 -15.69
N HIS B 121 -8.14 -17.08 -15.25
CA HIS B 121 -8.63 -15.74 -15.38
C HIS B 121 -8.97 -15.48 -16.85
N ASP B 122 -10.11 -14.87 -17.09
CA ASP B 122 -10.51 -14.57 -18.46
C ASP B 122 -11.42 -13.39 -18.37
N PRO B 123 -11.01 -12.23 -18.92
CA PRO B 123 -11.85 -11.00 -18.82
C PRO B 123 -13.25 -11.11 -19.46
N ALA B 124 -13.42 -12.05 -20.39
CA ALA B 124 -14.72 -12.34 -20.97
C ALA B 124 -15.64 -13.27 -20.15
N ASP B 125 -15.16 -13.82 -19.02
CA ASP B 125 -15.94 -14.74 -18.16
C ASP B 125 -16.16 -14.06 -16.79
N PRO B 126 -17.37 -13.50 -16.56
CA PRO B 126 -17.62 -12.80 -15.30
C PRO B 126 -17.34 -13.61 -14.03
N GLU B 127 -17.47 -14.93 -14.10
CA GLU B 127 -17.28 -15.79 -12.95
C GLU B 127 -15.80 -16.18 -12.68
N SER B 128 -14.91 -15.87 -13.62
CA SER B 128 -13.52 -16.22 -13.47
C SER B 128 -12.86 -15.32 -12.46
N TYR B 129 -11.80 -15.83 -11.87
CA TYR B 129 -11.13 -15.05 -10.83
C TYR B 129 -10.38 -13.86 -11.47
N TRP B 130 -10.12 -12.82 -10.67
CA TRP B 130 -9.12 -11.88 -10.96
C TRP B 130 -8.45 -11.66 -9.57
N GLY B 131 -7.17 -11.48 -9.55
CA GLY B 131 -6.47 -11.12 -8.28
C GLY B 131 -5.12 -10.58 -8.63
N TYR B 132 -4.35 -10.19 -7.62
CA TYR B 132 -3.00 -9.77 -7.86
C TYR B 132 -2.21 -9.99 -6.58
N MET B 133 -0.90 -10.06 -6.71
CA MET B 133 -0.08 -10.17 -5.53
C MET B 133 0.22 -8.80 -4.95
N LEU B 134 0.12 -8.72 -3.65
CA LEU B 134 0.23 -7.49 -2.93
C LEU B 134 1.69 -7.08 -2.71
N SER B 135 1.96 -5.77 -2.69
CA SER B 135 3.30 -5.25 -2.39
C SER B 135 3.49 -4.90 -0.92
N MET B 136 2.41 -4.83 -0.15
CA MET B 136 2.48 -4.84 1.31
C MET B 136 1.82 -6.18 1.68
N GLY B 137 1.46 -6.33 2.94
CA GLY B 137 0.59 -7.44 3.35
C GLY B 137 -0.91 -7.26 3.16
N SER B 138 -1.69 -8.02 3.91
CA SER B 138 -3.15 -7.98 3.79
C SER B 138 -3.74 -6.63 4.09
N THR B 139 -3.03 -5.75 4.78
CA THR B 139 -3.47 -4.36 4.84
C THR B 139 -3.85 -3.81 3.47
N GLU B 140 -3.01 -4.07 2.47
CA GLU B 140 -3.30 -3.64 1.10
C GLU B 140 -4.52 -4.37 0.55
N GLY B 141 -4.59 -5.67 0.82
CA GLY B 141 -5.67 -6.51 0.30
C GLY B 141 -7.03 -6.17 0.87
N ASN B 142 -7.07 -5.89 2.16
CA ASN B 142 -8.29 -5.48 2.82
C ASN B 142 -8.70 -4.08 2.38
N MET B 143 -7.70 -3.22 2.15
CA MET B 143 -7.95 -1.87 1.63
C MET B 143 -8.57 -2.00 0.24
N TYR B 144 -7.97 -2.82 -0.59
CA TYR B 144 -8.48 -3.04 -1.94
C TYR B 144 -9.88 -3.60 -1.91
N ALA B 145 -10.12 -4.62 -1.07
CA ALA B 145 -11.44 -5.21 -0.94
C ALA B 145 -12.50 -4.16 -0.64
N LEU B 146 -12.23 -3.31 0.35
CA LEU B 146 -13.19 -2.31 0.77
C LEU B 146 -13.38 -1.21 -0.29
N TRP B 147 -12.33 -0.88 -1.05
CA TRP B 147 -12.37 0.07 -2.14
C TRP B 147 -13.29 -0.47 -3.26
N ASN B 148 -13.01 -1.70 -3.64
CA ASN B 148 -13.74 -2.43 -4.67
C ASN B 148 -15.23 -2.56 -4.26
N ALA B 149 -15.48 -2.95 -3.01
CA ALA B 149 -16.85 -3.10 -2.49
C ALA B 149 -17.57 -1.76 -2.43
N ARG B 150 -16.92 -0.73 -1.88
CA ARG B 150 -17.47 0.61 -1.83
C ARG B 150 -17.96 1.06 -3.19
N ASP B 151 -17.11 0.96 -4.18
CA ASP B 151 -17.46 1.37 -5.56
C ASP B 151 -18.50 0.48 -6.21
N TYR B 152 -18.38 -0.83 -6.01
CA TYR B 152 -19.33 -1.78 -6.59
C TYR B 152 -20.72 -1.60 -6.02
N LEU B 153 -20.81 -1.41 -4.70
CA LEU B 153 -22.06 -1.31 -3.99
C LEU B 153 -22.66 0.10 -4.10
N SER B 154 -21.83 1.11 -4.36
CA SER B 154 -22.31 2.49 -4.48
C SER B 154 -22.72 2.89 -5.91
N GLY B 155 -22.57 2.00 -6.89
CA GLY B 155 -22.93 2.29 -8.29
C GLY B 155 -21.91 2.98 -9.20
N LYS B 156 -20.63 2.94 -8.84
CA LYS B 156 -19.56 3.36 -9.77
C LYS B 156 -19.46 2.41 -10.98
N ALA B 157 -19.02 2.91 -12.14
CA ALA B 157 -19.04 2.10 -13.37
C ALA B 157 -18.12 0.84 -13.34
N LEU B 158 -18.57 -0.29 -13.87
CA LEU B 158 -17.75 -1.52 -13.95
C LEU B 158 -16.94 -1.57 -15.24
N ILE B 159 -15.96 -2.46 -15.29
CA ILE B 159 -15.25 -2.79 -16.54
C ILE B 159 -16.19 -3.44 -17.57
N GLN B 160 -16.93 -4.46 -17.16
CA GLN B 160 -17.84 -5.21 -18.04
C GLN B 160 -19.30 -5.10 -17.59
N PRO B 161 -20.00 -4.00 -17.97
CA PRO B 161 -21.47 -4.02 -17.92
C PRO B 161 -22.12 -4.98 -18.93
N PRO B 162 -21.56 -5.12 -20.17
CA PRO B 162 -21.95 -6.26 -21.00
C PRO B 162 -21.04 -7.47 -20.72
N ARG B 178 -36.71 7.26 -7.00
CA ARG B 178 -35.84 6.09 -6.96
C ARG B 178 -36.62 4.84 -6.44
N ARG B 179 -37.30 4.89 -5.29
CA ARG B 179 -37.24 5.95 -4.27
C ARG B 179 -36.71 5.30 -2.97
N ASN B 180 -35.48 4.81 -3.09
CA ASN B 180 -34.64 4.35 -1.99
C ASN B 180 -33.48 5.34 -1.87
N PRO B 181 -33.57 6.30 -0.91
CA PRO B 181 -32.46 7.22 -0.75
C PRO B 181 -31.21 6.57 -0.12
N ASN B 182 -31.29 5.34 0.37
CA ASN B 182 -30.11 4.61 0.90
C ASN B 182 -29.41 3.68 -0.12
N ALA B 183 -29.88 3.66 -1.36
CA ALA B 183 -29.35 2.71 -2.34
C ALA B 183 -27.84 2.84 -2.64
N HIS B 184 -27.26 4.04 -2.48
CA HIS B 184 -25.85 4.29 -2.76
C HIS B 184 -25.01 4.46 -1.49
N HIS B 185 -25.51 3.97 -0.35
CA HIS B 185 -24.86 4.22 0.93
C HIS B 185 -24.55 2.86 1.56
N PRO B 186 -23.43 2.23 1.17
CA PRO B 186 -23.16 0.90 1.76
C PRO B 186 -22.86 0.99 3.26
N VAL B 187 -23.18 -0.08 3.99
CA VAL B 187 -22.93 -0.19 5.42
C VAL B 187 -22.02 -1.38 5.67
N ALA B 188 -20.97 -1.19 6.48
CA ALA B 188 -19.98 -2.26 6.75
C ALA B 188 -20.17 -2.90 8.11
N PHE B 189 -19.96 -4.22 8.15
CA PHE B 189 -20.17 -5.01 9.35
C PHE B 189 -18.96 -5.94 9.54
N TYR B 190 -18.45 -6.02 10.77
CA TYR B 190 -17.42 -6.97 11.14
C TYR B 190 -17.37 -7.02 12.66
N SER B 191 -16.77 -8.11 13.15
CA SER B 191 -16.79 -8.47 14.56
C SER B 191 -15.84 -7.60 15.33
N GLU B 192 -15.98 -7.67 16.64
CA GLU B 192 -15.00 -6.99 17.52
C GLU B 192 -13.60 -7.66 17.53
N ASP B 193 -13.47 -8.85 16.97
CA ASP B 193 -12.13 -9.45 16.80
C ASP B 193 -11.41 -9.05 15.48
N THR B 194 -11.96 -8.10 14.74
CA THR B 194 -11.41 -7.72 13.43
C THR B 194 -10.13 -6.95 13.64
N HIS B 195 -9.12 -7.19 12.80
CA HIS B 195 -7.85 -6.48 12.95
C HIS B 195 -8.00 -4.96 12.71
N TYR B 196 -7.30 -4.20 13.53
CA TYR B 196 -7.25 -2.72 13.50
C TYR B 196 -6.96 -2.14 12.13
N SER B 197 -6.30 -2.90 11.25
CA SER B 197 -6.16 -2.59 9.80
C SER B 197 -7.46 -2.23 9.11
N PHE B 198 -8.55 -2.91 9.48
CA PHE B 198 -9.87 -2.61 8.94
C PHE B 198 -10.44 -1.28 9.34
N ALA B 199 -10.32 -0.93 10.63
CA ALA B 199 -10.74 0.38 11.09
C ALA B 199 -10.03 1.46 10.33
N LYS B 200 -8.75 1.25 10.04
CA LYS B 200 -7.98 2.22 9.28
C LYS B 200 -8.48 2.28 7.84
N ALA B 201 -8.64 1.13 7.20
CA ALA B 201 -9.14 1.14 5.82
C ALA B 201 -10.50 1.81 5.69
N VAL B 202 -11.43 1.50 6.61
CA VAL B 202 -12.74 2.18 6.66
C VAL B 202 -12.63 3.72 6.62
N ALA B 203 -11.77 4.27 7.47
CA ALA B 203 -11.51 5.70 7.54
C ALA B 203 -10.83 6.24 6.26
N VAL B 204 -9.83 5.54 5.76
CA VAL B 204 -9.14 5.92 4.51
C VAL B 204 -10.15 6.07 3.36
N LEU B 205 -10.99 5.05 3.22
CA LEU B 205 -11.90 4.97 2.09
C LEU B 205 -13.28 5.68 2.31
N GLY B 206 -13.53 6.23 3.48
CA GLY B 206 -14.86 6.78 3.80
C GLY B 206 -16.03 5.77 3.78
N VAL B 207 -15.76 4.51 4.10
CA VAL B 207 -16.81 3.53 4.18
C VAL B 207 -17.39 3.70 5.57
N GLU B 208 -18.70 3.61 5.68
CA GLU B 208 -19.38 3.90 6.92
C GLU B 208 -19.75 2.60 7.59
N THR B 209 -19.46 2.46 8.88
CA THR B 209 -19.76 1.22 9.58
C THR B 209 -21.20 1.28 10.03
N PHE B 210 -21.71 0.15 10.49
CA PHE B 210 -23.09 0.11 10.97
C PHE B 210 -23.22 0.99 12.20
N HIS B 211 -22.14 1.10 12.98
CA HIS B 211 -22.19 1.90 14.20
C HIS B 211 -22.31 3.40 13.87
N ALA B 212 -21.48 3.87 12.94
CA ALA B 212 -21.53 5.28 12.56
C ALA B 212 -22.90 5.63 11.92
N VAL B 213 -23.40 4.81 11.01
CA VAL B 213 -24.72 5.02 10.39
C VAL B 213 -25.86 4.93 11.41
N GLY B 214 -25.76 3.95 12.31
CA GLY B 214 -26.68 3.79 13.41
C GLY B 214 -26.78 5.04 14.26
N LEU B 215 -25.62 5.58 14.64
CA LEU B 215 -25.55 6.77 15.51
C LEU B 215 -26.05 8.04 14.77
N GLU B 216 -25.70 8.15 13.48
CA GLU B 216 -26.07 9.31 12.66
C GLU B 216 -27.57 9.32 12.35
N LYS B 217 -28.04 8.24 11.76
CA LYS B 217 -29.36 8.17 11.17
C LYS B 217 -30.42 7.52 12.03
N TYR B 218 -30.05 6.61 12.92
CA TYR B 218 -31.01 5.71 13.57
C TYR B 218 -30.71 5.58 15.04
N ALA B 219 -30.35 6.70 15.66
CA ALA B 219 -29.74 6.71 16.98
C ALA B 219 -30.52 5.99 18.07
N ASP B 220 -31.84 6.01 17.98
CA ASP B 220 -32.69 5.42 19.03
C ASP B 220 -33.28 4.08 18.59
N GLU B 221 -32.76 3.49 17.51
CA GLU B 221 -33.37 2.32 16.91
C GLU B 221 -32.50 1.05 16.95
N CYS B 222 -31.50 0.99 17.83
CA CYS B 222 -30.60 -0.19 17.85
C CYS B 222 -31.38 -1.44 18.20
N PRO B 223 -31.33 -2.47 17.33
CA PRO B 223 -32.11 -3.68 17.58
C PRO B 223 -31.49 -4.64 18.61
N LEU B 224 -30.26 -4.38 19.08
CA LEU B 224 -29.64 -5.22 20.12
C LEU B 224 -29.61 -4.51 21.45
N VAL B 225 -29.73 -5.31 22.50
CA VAL B 225 -29.63 -4.87 23.90
C VAL B 225 -28.21 -5.15 24.35
N ASP B 226 -27.57 -4.17 24.98
CA ASP B 226 -26.22 -4.35 25.51
C ASP B 226 -26.25 -5.30 26.71
N PRO B 227 -25.38 -6.34 26.72
CA PRO B 227 -25.44 -7.35 27.80
C PRO B 227 -24.98 -6.83 29.16
N VAL B 228 -24.21 -5.74 29.19
CA VAL B 228 -23.74 -5.17 30.46
C VAL B 228 -24.73 -4.16 31.01
N THR B 229 -25.19 -3.23 30.18
CA THR B 229 -26.06 -2.15 30.64
C THR B 229 -27.57 -2.44 30.48
N GLY B 230 -27.95 -3.34 29.58
CA GLY B 230 -29.34 -3.53 29.18
C GLY B 230 -29.97 -2.42 28.33
N LEU B 231 -29.17 -1.51 27.78
CA LEU B 231 -29.67 -0.40 26.96
C LEU B 231 -29.48 -0.74 25.46
N ARG B 232 -30.28 -0.12 24.60
CA ARG B 232 -30.16 -0.35 23.17
C ARG B 232 -29.13 0.64 22.61
N THR B 233 -27.87 0.42 22.99
CA THR B 233 -26.77 1.27 22.57
C THR B 233 -26.14 0.58 21.37
N TRP B 234 -25.84 1.35 20.32
CA TRP B 234 -25.23 0.74 19.14
C TRP B 234 -23.83 0.26 19.55
N PRO B 235 -23.54 -1.07 19.44
CA PRO B 235 -22.15 -1.50 19.69
C PRO B 235 -21.22 -0.97 18.58
N THR B 236 -19.96 -0.82 18.93
CA THR B 236 -18.98 -0.26 18.00
C THR B 236 -18.62 -1.23 16.86
N GLU B 237 -18.64 -2.54 17.14
CA GLU B 237 -18.55 -3.60 16.13
C GLU B 237 -19.59 -4.65 16.41
N VAL B 238 -19.82 -5.56 15.46
CA VAL B 238 -20.72 -6.70 15.68
C VAL B 238 -20.16 -7.52 16.85
N PRO B 239 -21.01 -7.84 17.83
CA PRO B 239 -20.56 -8.68 18.97
C PRO B 239 -19.93 -9.98 18.51
N SER B 240 -18.86 -10.36 19.20
CA SER B 240 -18.31 -11.70 19.07
C SER B 240 -19.02 -12.60 20.09
N ARG B 241 -18.82 -13.91 19.99
CA ARG B 241 -19.55 -14.87 20.84
C ARG B 241 -19.09 -14.75 22.32
N PRO B 242 -20.00 -14.92 23.27
CA PRO B 242 -19.56 -14.79 24.68
C PRO B 242 -18.74 -15.99 25.18
N GLY B 243 -17.93 -15.79 26.23
CA GLY B 243 -17.28 -16.91 26.90
C GLY B 243 -17.96 -17.15 28.25
N PRO B 244 -17.32 -17.93 29.15
CA PRO B 244 -17.85 -18.19 30.50
C PRO B 244 -18.34 -16.96 31.28
N SER B 245 -17.71 -15.82 31.04
CA SER B 245 -18.08 -14.54 31.65
C SER B 245 -19.44 -14.02 31.24
N GLY B 246 -20.00 -14.52 30.11
CA GLY B 246 -21.17 -13.93 29.48
C GLY B 246 -20.86 -12.77 28.52
N LEU B 247 -19.58 -12.39 28.41
CA LEU B 247 -19.12 -11.29 27.58
C LEU B 247 -18.08 -11.82 26.61
N SER B 248 -17.68 -10.99 25.66
CA SER B 248 -16.85 -11.47 24.56
C SER B 248 -15.37 -11.58 24.92
N TRP B 249 -14.91 -10.93 26.00
CA TRP B 249 -13.51 -10.92 26.27
C TRP B 249 -12.93 -12.32 26.45
N ASP B 250 -13.69 -13.25 27.03
CA ASP B 250 -13.21 -14.64 27.19
C ASP B 250 -13.87 -15.62 26.25
N GLY B 251 -14.54 -15.08 25.23
CA GLY B 251 -15.15 -15.91 24.19
C GLY B 251 -14.16 -16.38 23.17
N PRO B 252 -14.65 -17.17 22.19
CA PRO B 252 -13.71 -17.75 21.22
C PRO B 252 -13.11 -16.78 20.20
N GLY B 253 -13.75 -15.63 20.00
CA GLY B 253 -13.34 -14.60 19.08
C GLY B 253 -14.03 -14.71 17.72
N GLU B 254 -15.03 -15.58 17.63
CA GLU B 254 -15.84 -15.75 16.39
C GLU B 254 -17.03 -14.80 16.47
N ILE B 255 -17.41 -14.24 15.32
CA ILE B 255 -18.59 -13.37 15.20
C ILE B 255 -19.89 -14.09 15.67
N ASP B 256 -20.72 -13.36 16.41
CA ASP B 256 -22.05 -13.84 16.84
C ASP B 256 -22.98 -13.74 15.63
N VAL B 257 -23.28 -14.88 15.04
CA VAL B 257 -24.04 -14.94 13.78
C VAL B 257 -25.48 -14.40 13.97
N ASP B 258 -26.11 -14.71 15.09
CA ASP B 258 -27.44 -14.13 15.44
C ASP B 258 -27.37 -12.60 15.39
N ALA B 259 -26.46 -12.03 16.18
CA ALA B 259 -26.32 -10.58 16.25
C ALA B 259 -26.03 -9.91 14.90
N LEU B 260 -25.22 -10.58 14.08
CA LEU B 260 -24.87 -10.07 12.75
C LEU B 260 -26.15 -10.03 11.92
N ALA B 261 -26.89 -11.15 11.97
CA ALA B 261 -28.15 -11.28 11.24
C ALA B 261 -29.18 -10.19 11.61
N VAL B 262 -29.32 -9.87 12.90
CA VAL B 262 -30.25 -8.85 13.35
C VAL B 262 -29.82 -7.45 12.85
N LEU B 263 -28.52 -7.19 12.97
CA LEU B 263 -27.94 -5.93 12.47
C LEU B 263 -28.04 -5.75 10.94
N VAL B 264 -27.68 -6.78 10.20
CA VAL B 264 -27.77 -6.73 8.74
C VAL B 264 -29.21 -6.50 8.28
N GLU B 265 -30.16 -7.30 8.81
CA GLU B 265 -31.58 -7.16 8.50
C GLU B 265 -32.06 -5.71 8.70
N PHE B 266 -31.66 -5.12 9.82
CA PHE B 266 -32.03 -3.77 10.14
C PHE B 266 -31.67 -2.76 9.05
N PHE B 267 -30.43 -2.81 8.56
CA PHE B 267 -29.98 -1.88 7.54
C PHE B 267 -30.50 -2.29 6.17
N ALA B 268 -30.55 -3.61 5.93
CA ALA B 268 -31.02 -4.14 4.63
C ALA B 268 -32.49 -3.74 4.34
N ALA B 269 -33.32 -3.81 5.38
CA ALA B 269 -34.73 -3.39 5.35
C ALA B 269 -34.90 -1.92 4.98
N LYS B 270 -33.93 -1.09 5.37
CA LYS B 270 -33.92 0.33 5.02
C LYS B 270 -33.35 0.67 3.63
N GLY B 271 -32.96 -0.34 2.85
CA GLY B 271 -32.46 -0.11 1.48
C GLY B 271 -30.93 -0.07 1.29
N HIS B 272 -30.17 -0.11 2.38
CA HIS B 272 -28.70 -0.05 2.27
C HIS B 272 -28.14 -1.33 1.65
N PRO B 273 -27.17 -1.20 0.71
CA PRO B 273 -26.33 -2.35 0.40
C PRO B 273 -25.39 -2.68 1.58
N VAL B 274 -24.84 -3.90 1.59
CA VAL B 274 -24.23 -4.45 2.79
C VAL B 274 -22.84 -5.01 2.47
N PHE B 275 -21.88 -4.64 3.30
CA PHE B 275 -20.53 -5.21 3.22
C PHE B 275 -20.25 -5.93 4.53
N VAL B 276 -19.76 -7.16 4.42
CA VAL B 276 -19.51 -7.95 5.60
C VAL B 276 -18.07 -8.48 5.52
N ASN B 277 -17.23 -8.17 6.51
CA ASN B 277 -15.90 -8.80 6.64
C ASN B 277 -15.96 -9.96 7.65
N LEU B 278 -15.44 -11.13 7.27
CA LEU B 278 -15.37 -12.32 8.10
C LEU B 278 -13.92 -12.72 8.28
N ASN B 279 -13.53 -12.89 9.55
CA ASN B 279 -12.17 -13.22 9.94
C ASN B 279 -11.92 -14.71 9.89
N LEU B 280 -10.93 -15.10 9.09
CA LEU B 280 -10.55 -16.51 8.98
C LEU B 280 -9.14 -16.67 9.59
N GLY B 281 -9.09 -16.70 10.92
CA GLY B 281 -7.88 -16.73 11.69
C GLY B 281 -7.66 -15.34 12.25
N SER B 282 -8.45 -14.98 13.25
CA SER B 282 -8.41 -13.62 13.80
C SER B 282 -7.06 -13.38 14.48
N THR B 283 -6.73 -12.13 14.71
CA THR B 283 -5.37 -11.73 14.99
C THR B 283 -4.95 -12.18 16.38
N PHE B 284 -5.80 -11.96 17.36
CA PHE B 284 -5.39 -12.36 18.72
C PHE B 284 -5.75 -13.78 19.15
N LYS B 285 -6.94 -14.25 18.79
CA LYS B 285 -7.41 -15.56 19.24
C LYS B 285 -7.36 -16.62 18.14
N GLY B 286 -6.97 -16.23 16.94
CA GLY B 286 -6.93 -17.15 15.83
C GLY B 286 -8.24 -17.81 15.52
N ALA B 287 -9.37 -17.15 15.81
CA ALA B 287 -10.68 -17.72 15.59
C ALA B 287 -11.02 -17.70 14.09
N HIS B 288 -11.91 -18.60 13.72
CA HIS B 288 -12.52 -18.63 12.35
C HIS B 288 -14.00 -18.36 12.43
N ASP B 289 -14.41 -17.24 11.87
CA ASP B 289 -15.81 -16.89 11.76
C ASP B 289 -16.43 -17.96 10.87
N ASP B 290 -17.65 -18.38 11.21
CA ASP B 290 -18.31 -19.50 10.54
C ASP B 290 -18.93 -18.95 9.27
N VAL B 291 -18.09 -18.87 8.24
CA VAL B 291 -18.45 -18.21 7.02
C VAL B 291 -19.70 -18.87 6.40
N ARG B 292 -19.74 -20.19 6.39
CA ARG B 292 -20.86 -20.91 5.80
C ARG B 292 -22.16 -20.59 6.56
N ALA B 293 -22.12 -20.62 7.90
CA ALA B 293 -23.29 -20.26 8.72
C ALA B 293 -23.73 -18.83 8.53
N VAL B 294 -22.76 -17.90 8.41
CA VAL B 294 -23.08 -16.51 8.12
C VAL B 294 -23.86 -16.45 6.82
N CYS B 295 -23.31 -17.09 5.79
CA CYS B 295 -23.91 -17.01 4.46
C CYS B 295 -25.32 -17.58 4.42
N GLU B 296 -25.50 -18.75 5.04
CA GLU B 296 -26.79 -19.42 5.16
C GLU B 296 -27.81 -18.53 5.84
N ARG B 297 -27.38 -17.85 6.88
CA ARG B 297 -28.20 -16.94 7.59
C ARG B 297 -28.55 -15.67 6.84
N LEU B 298 -27.58 -15.09 6.14
CA LEU B 298 -27.79 -13.80 5.50
C LEU B 298 -28.51 -13.93 4.15
N LEU B 299 -28.33 -15.03 3.43
CA LEU B 299 -28.94 -15.11 2.11
C LEU B 299 -30.48 -14.80 2.10
N PRO B 300 -31.28 -15.40 3.01
CA PRO B 300 -32.71 -15.08 3.11
C PRO B 300 -33.01 -13.62 3.31
N ILE B 301 -32.19 -12.95 4.13
CA ILE B 301 -32.28 -11.53 4.31
C ILE B 301 -32.03 -10.75 3.01
N PHE B 302 -30.98 -11.10 2.27
CA PHE B 302 -30.68 -10.46 1.00
C PHE B 302 -31.85 -10.70 0.00
N GLU B 303 -32.37 -11.92 -0.08
CA GLU B 303 -33.48 -12.19 -0.99
C GLU B 303 -34.76 -11.41 -0.62
N ARG B 304 -35.07 -11.30 0.68
CA ARG B 304 -36.25 -10.55 1.13
C ARG B 304 -36.19 -9.06 0.78
N HIS B 305 -34.98 -8.49 0.81
CA HIS B 305 -34.80 -7.05 0.66
C HIS B 305 -34.19 -6.65 -0.66
N GLY B 306 -34.23 -7.56 -1.62
CA GLY B 306 -33.86 -7.25 -2.99
C GLY B 306 -32.37 -7.03 -3.23
N LEU B 307 -31.50 -7.70 -2.47
CA LEU B 307 -30.06 -7.48 -2.55
C LEU B 307 -29.28 -8.52 -3.35
N VAL B 308 -29.96 -9.52 -3.89
CA VAL B 308 -29.26 -10.52 -4.68
C VAL B 308 -29.10 -9.99 -6.11
N GLN B 309 -30.18 -9.41 -6.63
CA GLN B 309 -30.19 -8.75 -7.93
C GLN B 309 -30.81 -7.39 -7.70
N ARG B 310 -29.98 -6.36 -7.72
CA ARG B 310 -30.43 -5.00 -7.53
C ARG B 310 -30.10 -4.16 -8.73
N GLU B 311 -31.07 -3.38 -9.18
CA GLU B 311 -30.88 -2.45 -10.30
C GLU B 311 -30.07 -1.30 -9.69
N VAL B 312 -28.93 -0.98 -10.29
CA VAL B 312 -28.09 0.10 -9.74
C VAL B 312 -27.91 1.20 -10.79
N VAL B 313 -28.14 2.43 -10.35
CA VAL B 313 -27.94 3.61 -11.17
C VAL B 313 -26.46 3.96 -11.12
N TYR B 314 -25.77 3.78 -12.25
CA TYR B 314 -24.35 4.14 -12.37
C TYR B 314 -24.07 5.45 -13.09
N GLY B 315 -25.03 5.93 -13.89
CA GLY B 315 -24.93 7.28 -14.45
C GLY B 315 -26.19 7.76 -15.11
N SER B 316 -26.01 8.65 -16.08
CA SER B 316 -27.07 9.10 -16.99
C SER B 316 -26.45 9.48 -18.32
N CYS B 317 -27.15 9.21 -19.43
CA CYS B 317 -26.60 9.50 -20.76
C CYS B 317 -26.47 11.01 -20.99
N PRO B 318 -25.43 11.47 -21.74
CA PRO B 318 -25.24 12.90 -22.01
C PRO B 318 -26.42 13.65 -22.68
N GLN B 319 -27.02 13.03 -23.71
CA GLN B 319 -28.06 13.69 -24.54
C GLN B 319 -29.35 14.02 -23.78
N THR B 320 -29.99 13.02 -23.18
CA THR B 320 -31.31 13.17 -22.57
C THR B 320 -31.39 12.96 -21.04
N GLY B 321 -30.28 12.54 -20.41
CA GLY B 321 -30.22 12.41 -18.96
C GLY B 321 -31.00 11.27 -18.32
N ARG B 322 -31.53 10.35 -19.13
CA ARG B 322 -32.12 9.08 -18.64
C ARG B 322 -31.12 8.31 -17.77
N PRO B 323 -31.58 7.75 -16.62
CA PRO B 323 -30.63 7.09 -15.72
C PRO B 323 -30.18 5.72 -16.25
N LEU B 324 -28.87 5.56 -16.49
CA LEU B 324 -28.29 4.28 -16.93
C LEU B 324 -28.26 3.28 -15.77
N VAL B 325 -28.58 2.02 -16.08
CA VAL B 325 -28.84 0.97 -15.06
C VAL B 325 -28.17 -0.39 -15.40
N ASP B 326 -27.60 -1.00 -14.36
CA ASP B 326 -26.87 -2.27 -14.44
C ASP B 326 -27.36 -3.08 -13.25
N VAL B 327 -27.43 -4.40 -13.39
CA VAL B 327 -27.91 -5.29 -12.31
C VAL B 327 -26.71 -5.88 -11.59
N ARG B 328 -26.62 -5.61 -10.29
CA ARG B 328 -25.49 -6.03 -9.46
C ARG B 328 -26.08 -6.69 -8.25
N ARG B 329 -25.24 -7.39 -7.50
CA ARG B 329 -25.66 -7.77 -6.17
C ARG B 329 -25.41 -6.55 -5.27
N GLY B 330 -26.21 -6.47 -4.22
CA GLY B 330 -26.19 -5.39 -3.25
C GLY B 330 -25.55 -5.79 -1.94
N PHE B 331 -24.84 -6.93 -1.93
CA PHE B 331 -24.06 -7.33 -0.77
C PHE B 331 -22.68 -7.76 -1.25
N TRP B 332 -21.72 -7.66 -0.33
CA TRP B 332 -20.30 -8.12 -0.58
C TRP B 332 -19.77 -8.73 0.66
N ILE B 333 -19.43 -10.02 0.58
CA ILE B 333 -18.82 -10.74 1.67
C ILE B 333 -17.35 -10.94 1.30
N HIS B 334 -16.51 -10.41 2.19
CA HIS B 334 -15.06 -10.50 2.12
C HIS B 334 -14.57 -11.36 3.26
N VAL B 335 -13.61 -12.22 2.95
CA VAL B 335 -12.95 -13.04 3.92
C VAL B 335 -11.54 -12.51 4.21
N ASP B 336 -11.31 -12.02 5.42
CA ASP B 336 -9.98 -11.65 5.80
C ASP B 336 -9.25 -12.92 6.25
N GLY B 337 -8.59 -13.52 5.27
CA GLY B 337 -7.80 -14.74 5.49
C GLY B 337 -6.31 -14.45 5.59
N ALA B 338 -5.94 -13.23 6.05
CA ALA B 338 -4.54 -12.84 6.20
C ALA B 338 -3.74 -14.05 6.64
N LEU B 339 -4.21 -14.70 7.70
CA LEU B 339 -3.54 -15.92 8.19
C LEU B 339 -4.18 -17.18 7.60
N GLY B 340 -5.47 -17.33 7.81
CA GLY B 340 -6.06 -18.63 7.78
C GLY B 340 -6.36 -19.09 6.34
N ALA B 341 -6.32 -18.22 5.37
CA ALA B 341 -6.52 -18.68 3.94
C ALA B 341 -5.30 -19.48 3.46
N GLY B 342 -4.19 -19.32 4.18
CA GLY B 342 -2.98 -20.15 3.93
C GLY B 342 -3.05 -21.59 4.41
N TYR B 343 -3.80 -21.87 5.47
CA TYR B 343 -3.86 -23.28 6.03
C TYR B 343 -5.21 -23.97 5.98
N ALA B 344 -6.29 -23.19 5.98
CA ALA B 344 -7.60 -23.74 6.14
C ALA B 344 -7.99 -24.68 4.99
N PRO B 345 -7.58 -24.38 3.75
CA PRO B 345 -7.93 -25.35 2.69
C PRO B 345 -7.28 -26.74 2.94
N PHE B 346 -6.08 -26.77 3.53
CA PHE B 346 -5.38 -28.05 3.81
C PHE B 346 -5.99 -28.82 4.97
N LEU B 347 -6.39 -28.11 6.02
CA LEU B 347 -7.16 -28.74 7.09
C LEU B 347 -8.47 -29.34 6.56
N ARG B 348 -9.21 -28.59 5.75
CA ARG B 348 -10.47 -29.08 5.18
C ARG B 348 -10.27 -30.27 4.19
N LEU B 349 -9.14 -30.29 3.48
CA LEU B 349 -8.75 -31.47 2.70
C LEU B 349 -8.65 -32.74 3.55
N ALA B 350 -8.03 -32.63 4.73
CA ALA B 350 -7.91 -33.74 5.63
C ALA B 350 -9.28 -34.13 6.16
N ALA B 351 -10.08 -33.12 6.52
CA ALA B 351 -11.40 -33.37 7.10
C ALA B 351 -12.26 -34.19 6.13
N GLU B 352 -12.09 -33.96 4.84
CA GLU B 352 -12.83 -34.63 3.78
C GLU B 352 -12.33 -36.07 3.49
N ASP B 353 -11.04 -36.35 3.76
CA ASP B 353 -10.48 -37.71 3.59
C ASP B 353 -9.48 -38.05 4.72
N PRO B 354 -9.99 -38.28 5.93
CA PRO B 354 -9.09 -38.36 7.08
C PRO B 354 -8.21 -39.61 7.14
N GLU B 355 -8.73 -40.72 6.60
CA GLU B 355 -7.93 -41.94 6.55
C GLU B 355 -6.91 -41.84 5.41
N GLY B 356 -7.25 -41.16 4.31
CA GLY B 356 -6.31 -40.89 3.23
C GLY B 356 -5.09 -40.06 3.63
N TYR B 357 -5.28 -39.11 4.56
CA TYR B 357 -4.19 -38.28 5.09
C TYR B 357 -3.67 -38.73 6.45
N GLY B 358 -4.27 -39.75 7.05
CA GLY B 358 -3.86 -40.22 8.34
C GLY B 358 -4.12 -39.27 9.47
N TRP B 359 -5.15 -38.43 9.34
CA TRP B 359 -5.43 -37.41 10.35
C TRP B 359 -6.87 -36.98 10.23
N THR B 360 -7.56 -36.95 11.36
CA THR B 360 -8.90 -36.38 11.47
C THR B 360 -8.73 -35.14 12.32
N PRO B 361 -8.88 -33.95 11.73
CA PRO B 361 -8.77 -32.75 12.58
C PRO B 361 -9.83 -32.74 13.70
N GLU B 362 -9.41 -32.35 14.89
CA GLU B 362 -10.30 -32.26 16.07
C GLU B 362 -11.45 -31.24 15.86
N ALA B 363 -11.13 -30.16 15.18
CA ALA B 363 -12.03 -29.04 15.01
C ALA B 363 -12.43 -28.98 13.55
N GLU B 364 -13.62 -28.47 13.32
CA GLU B 364 -14.17 -28.30 12.00
C GLU B 364 -13.95 -26.84 11.63
N LEU B 365 -13.35 -26.59 10.47
CA LEU B 365 -13.27 -25.22 9.94
C LEU B 365 -14.30 -25.06 8.87
N PRO B 366 -15.01 -23.90 8.89
CA PRO B 366 -16.09 -23.63 7.98
C PRO B 366 -15.65 -23.54 6.53
N GLU B 367 -16.53 -23.95 5.64
CA GLU B 367 -16.39 -23.65 4.22
C GLU B 367 -16.42 -22.12 4.11
N PHE B 368 -15.47 -21.56 3.36
CA PHE B 368 -15.24 -20.10 3.35
C PHE B 368 -14.90 -19.46 2.01
N ASP B 369 -14.75 -20.25 0.96
CA ASP B 369 -14.06 -19.80 -0.23
C ASP B 369 -15.02 -19.59 -1.41
N PHE B 370 -14.45 -19.39 -2.59
CA PHE B 370 -15.23 -19.15 -3.81
C PHE B 370 -16.09 -20.31 -4.26
N GLY B 371 -15.90 -21.47 -3.67
CA GLY B 371 -16.72 -22.63 -3.97
C GLY B 371 -18.05 -22.64 -3.23
N LEU B 372 -18.19 -21.82 -2.20
CA LEU B 372 -19.39 -21.78 -1.38
C LEU B 372 -20.60 -21.24 -2.14
N ARG B 373 -21.52 -22.15 -2.46
CA ARG B 373 -22.71 -21.86 -3.25
C ARG B 373 -23.93 -22.37 -2.52
N LEU B 374 -24.94 -21.51 -2.38
CA LEU B 374 -26.14 -21.85 -1.67
C LEU B 374 -27.36 -21.81 -2.57
N PRO B 375 -28.35 -22.69 -2.29
CA PRO B 375 -29.60 -22.67 -3.05
C PRO B 375 -30.43 -21.43 -2.76
N THR B 376 -31.01 -20.86 -3.79
CA THR B 376 -31.92 -19.71 -3.68
C THR B 376 -33.35 -20.23 -3.41
N ALA B 377 -34.26 -19.31 -3.14
CA ALA B 377 -35.68 -19.64 -2.96
C ALA B 377 -36.26 -20.35 -4.20
N GLY B 378 -35.91 -19.83 -5.39
CA GLY B 378 -36.25 -20.46 -6.69
C GLY B 378 -35.44 -21.68 -7.13
N HIS B 379 -34.60 -22.21 -6.24
CA HIS B 379 -33.82 -23.42 -6.47
C HIS B 379 -32.72 -23.24 -7.54
N GLY B 380 -32.26 -22.00 -7.74
CA GLY B 380 -30.99 -21.70 -8.41
C GLY B 380 -29.85 -21.75 -7.38
N GLU B 381 -28.70 -21.21 -7.75
CA GLU B 381 -27.51 -21.16 -6.88
C GLU B 381 -26.96 -19.76 -6.83
N VAL B 382 -26.42 -19.39 -5.68
CA VAL B 382 -25.68 -18.15 -5.54
C VAL B 382 -24.31 -18.39 -4.89
N ASP B 383 -23.29 -17.86 -5.55
CA ASP B 383 -21.90 -17.91 -5.08
C ASP B 383 -21.76 -16.77 -4.07
N MET B 384 -21.48 -17.12 -2.82
CA MET B 384 -21.67 -16.17 -1.72
C MET B 384 -20.50 -15.20 -1.42
N VAL B 385 -19.25 -15.63 -1.66
CA VAL B 385 -18.07 -14.83 -1.27
C VAL B 385 -17.59 -14.00 -2.47
N SER B 386 -17.35 -12.71 -2.25
CA SER B 386 -16.89 -11.83 -3.31
C SER B 386 -15.36 -11.63 -3.36
N SER B 387 -14.67 -11.75 -2.22
CA SER B 387 -13.23 -11.50 -2.17
C SER B 387 -12.58 -12.18 -0.95
N ILE B 388 -11.31 -12.51 -1.12
CA ILE B 388 -10.45 -13.06 -0.09
C ILE B 388 -9.08 -12.37 -0.10
N ALA B 389 -8.55 -12.05 1.09
CA ALA B 389 -7.16 -11.57 1.25
C ALA B 389 -6.37 -12.61 2.08
N MET B 390 -5.08 -12.72 1.76
CA MET B 390 -4.12 -13.53 2.50
C MET B 390 -2.73 -12.85 2.54
N SER B 391 -2.05 -12.96 3.69
CA SER B 391 -0.67 -12.54 3.86
C SER B 391 0.31 -13.71 3.60
N GLY B 392 1.25 -13.54 2.66
CA GLY B 392 2.29 -14.59 2.39
C GLY B 392 3.30 -14.77 3.50
N HIS B 393 3.57 -13.67 4.17
CA HIS B 393 4.45 -13.68 5.33
C HIS B 393 3.91 -14.23 6.63
N1 LLP B 394 -6.06 -9.13 9.27
C2 LLP B 394 -5.71 -10.10 10.12
C2' LLP B 394 -6.73 -11.07 10.62
C3 LLP B 394 -4.27 -10.25 10.49
O3 LLP B 394 -3.89 -11.21 11.33
C4 LLP B 394 -3.30 -9.28 9.92
C4' LLP B 394 -1.85 -9.41 10.27
C5 LLP B 394 -3.82 -8.23 9.03
C6 LLP B 394 -5.20 -8.21 8.75
C5' LLP B 394 -2.91 -7.18 8.41
OP4 LLP B 394 -2.06 -7.83 7.49
P LLP B 394 -0.54 -7.41 7.16
OP1 LLP B 394 -0.05 -8.60 6.40
OP2 LLP B 394 -0.69 -6.11 6.47
OP3 LLP B 394 0.00 -7.17 8.56
N LLP B 394 2.63 -14.62 6.69
CA LLP B 394 2.05 -15.23 7.86
CB LLP B 394 0.62 -14.71 8.16
CG LLP B 394 0.64 -13.24 8.51
CD LLP B 394 -0.75 -12.76 8.85
CE LLP B 394 -0.80 -11.26 8.98
NZ LLP B 394 -1.43 -10.79 10.17
C LLP B 394 2.30 -16.71 7.80
O LLP B 394 3.37 -17.18 8.22
N TRP B 395 1.37 -17.49 7.22
CA TRP B 395 1.52 -18.94 7.29
C TRP B 395 2.70 -19.49 6.47
N ALA B 396 2.83 -19.03 5.22
CA ALA B 396 3.94 -19.47 4.37
C ALA B 396 5.31 -19.01 4.86
N GLY B 397 5.40 -17.73 5.22
CA GLY B 397 6.65 -17.06 5.55
C GLY B 397 7.29 -16.38 4.35
N ALA B 398 7.87 -15.22 4.61
CA ALA B 398 8.58 -14.44 3.59
C ALA B 398 9.47 -13.44 4.31
N PRO B 399 10.47 -12.91 3.61
CA PRO B 399 11.36 -11.97 4.26
C PRO B 399 10.78 -10.54 4.35
N TRP B 400 9.65 -10.30 3.70
CA TRP B 400 8.95 -9.01 3.80
C TRP B 400 7.44 -9.21 3.60
N PRO B 401 6.62 -8.17 3.87
CA PRO B 401 5.17 -8.35 3.73
C PRO B 401 4.79 -8.56 2.25
N CYS B 402 3.90 -9.51 2.05
CA CYS B 402 3.32 -9.79 0.74
C CYS B 402 1.96 -10.48 0.91
N GLY B 403 1.31 -10.81 -0.20
CA GLY B 403 0.13 -11.58 -0.10
C GLY B 403 -0.67 -11.58 -1.38
N ILE B 404 -1.99 -11.79 -1.24
CA ILE B 404 -2.88 -11.99 -2.39
C ILE B 404 -4.19 -11.29 -2.07
N TYR B 405 -4.71 -10.54 -3.04
CA TYR B 405 -6.12 -10.19 -3.13
C TYR B 405 -6.74 -10.95 -4.29
N MET B 406 -7.88 -11.58 -4.07
CA MET B 406 -8.62 -12.29 -5.16
C MET B 406 -10.10 -11.95 -5.12
N THR B 407 -10.71 -11.82 -6.30
CA THR B 407 -12.13 -11.55 -6.44
C THR B 407 -12.51 -12.20 -7.76
N LYS B 408 -13.55 -11.69 -8.39
CA LYS B 408 -14.02 -12.22 -9.69
C LYS B 408 -14.10 -11.09 -10.68
N VAL B 409 -14.06 -11.47 -11.96
CA VAL B 409 -14.10 -10.50 -13.04
C VAL B 409 -15.35 -9.59 -12.97
N LYS B 410 -16.49 -10.18 -12.61
CA LYS B 410 -17.75 -9.45 -12.54
C LYS B 410 -17.77 -8.32 -11.53
N TYR B 411 -16.85 -8.30 -10.56
CA TYR B 411 -16.76 -7.20 -9.60
C TYR B 411 -15.83 -6.07 -9.96
N GLN B 412 -15.14 -6.19 -11.10
CA GLN B 412 -14.08 -5.22 -11.42
C GLN B 412 -14.63 -3.85 -11.81
N ILE B 413 -14.09 -2.82 -11.16
CA ILE B 413 -14.49 -1.42 -11.36
C ILE B 413 -13.66 -0.82 -12.51
N SER B 414 -14.27 0.09 -13.28
CA SER B 414 -13.61 0.85 -14.35
C SER B 414 -12.75 1.98 -13.78
N PRO B 415 -11.42 1.97 -14.04
CA PRO B 415 -10.52 3.03 -13.53
C PRO B 415 -10.78 4.45 -14.07
N PRO B 416 -10.11 5.49 -13.50
CA PRO B 416 -10.30 6.88 -14.01
C PRO B 416 -9.86 7.04 -15.48
N SER B 417 -10.60 7.86 -16.23
CA SER B 417 -10.41 7.99 -17.69
C SER B 417 -9.31 8.99 -18.07
N GLN B 418 -8.12 8.47 -18.42
CA GLN B 418 -6.98 9.31 -18.84
C GLN B 418 -5.93 8.45 -19.58
N PRO B 419 -5.23 9.01 -20.60
CA PRO B 419 -4.17 8.23 -21.28
C PRO B 419 -2.95 7.83 -20.41
N ASP B 420 -2.88 6.54 -20.08
CA ASP B 420 -1.76 5.94 -19.31
C ASP B 420 -0.50 5.77 -20.18
N TYR B 421 0.58 5.26 -19.59
CA TYR B 421 1.83 4.96 -20.33
C TYR B 421 1.98 3.45 -20.50
N ILE B 422 1.57 2.98 -21.69
CA ILE B 422 1.52 1.56 -22.11
C ILE B 422 0.80 0.60 -21.13
N GLY B 423 -0.42 1.00 -20.77
CA GLY B 423 -1.33 0.18 -19.96
C GLY B 423 -2.75 0.24 -20.51
N ALA B 424 -3.40 -0.92 -20.60
CA ALA B 424 -4.79 -1.04 -21.11
C ALA B 424 -5.77 -0.69 -19.96
N PRO B 425 -6.96 -1.35 -19.84
CA PRO B 425 -7.66 -1.18 -18.56
C PRO B 425 -6.82 -1.71 -17.38
N ASP B 426 -6.60 -0.87 -16.36
CA ASP B 426 -5.72 -1.21 -15.22
C ASP B 426 -6.36 -0.96 -13.83
N THR B 427 -6.61 -2.05 -13.09
CA THR B 427 -7.34 -1.98 -11.83
C THR B 427 -6.49 -2.06 -10.56
N THR B 428 -5.16 -2.05 -10.67
CA THR B 428 -4.33 -1.93 -9.50
C THR B 428 -4.31 -0.47 -9.01
N PHE B 429 -3.51 -0.23 -7.98
CA PHE B 429 -3.13 1.13 -7.59
C PHE B 429 -2.24 1.92 -8.62
N ALA B 430 -1.81 1.28 -9.73
CA ALA B 430 -1.18 1.93 -10.92
C ALA B 430 0.32 2.33 -10.86
N GLY B 431 0.97 2.07 -9.72
CA GLY B 431 2.39 2.21 -9.60
C GLY B 431 3.11 0.85 -9.55
N SER B 432 4.33 0.92 -9.09
CA SER B 432 5.24 -0.21 -9.02
C SER B 432 4.66 -1.28 -8.15
N ARG B 433 4.95 -2.53 -8.49
CA ARG B 433 4.57 -3.63 -7.67
C ARG B 433 5.78 -4.60 -7.47
N ASN B 434 5.89 -5.10 -6.24
CA ASN B 434 6.86 -6.13 -5.85
C ASN B 434 6.78 -7.38 -6.73
N GLY B 435 7.84 -7.59 -7.54
CA GLY B 435 7.98 -8.77 -8.37
C GLY B 435 8.90 -9.84 -7.83
N PHE B 436 9.43 -9.62 -6.63
CA PHE B 436 10.23 -10.57 -5.91
C PHE B 436 9.33 -11.49 -5.07
N SER B 437 8.25 -10.94 -4.47
CA SER B 437 7.34 -11.76 -3.68
C SER B 437 6.74 -12.91 -4.49
N PRO B 438 6.44 -12.70 -5.78
CA PRO B 438 5.96 -13.89 -6.52
C PRO B 438 6.97 -15.05 -6.49
N LEU B 439 8.27 -14.74 -6.61
CA LEU B 439 9.32 -15.78 -6.53
C LEU B 439 9.38 -16.45 -5.16
N ILE B 440 9.31 -15.65 -4.09
CA ILE B 440 9.24 -16.20 -2.74
C ILE B 440 8.09 -17.24 -2.62
N LEU B 441 6.87 -16.84 -2.95
CA LEU B 441 5.74 -17.72 -2.79
C LEU B 441 5.75 -18.87 -3.79
N TRP B 442 6.20 -18.62 -5.01
CA TRP B 442 6.34 -19.71 -5.99
C TRP B 442 7.32 -20.78 -5.49
N ASP B 443 8.44 -20.34 -4.90
CA ASP B 443 9.50 -21.25 -4.44
C ASP B 443 8.96 -22.13 -3.29
N HIS B 444 8.29 -21.47 -2.36
CA HIS B 444 7.58 -22.17 -1.26
C HIS B 444 6.58 -23.21 -1.76
N LEU B 445 5.62 -22.77 -2.56
CA LEU B 445 4.53 -23.67 -3.03
C LEU B 445 5.07 -24.88 -3.83
N SER B 446 6.15 -24.66 -4.57
CA SER B 446 6.78 -25.68 -5.40
C SER B 446 7.48 -26.75 -4.55
N ARG B 447 7.91 -26.40 -3.34
CA ARG B 447 8.59 -27.33 -2.47
C ARG B 447 7.64 -28.31 -1.77
N TYR B 448 6.36 -27.98 -1.64
CA TYR B 448 5.45 -28.79 -0.84
C TYR B 448 4.25 -29.28 -1.61
N SER B 449 4.01 -30.57 -1.52
CA SER B 449 2.75 -31.18 -1.96
C SER B 449 1.59 -30.76 -1.06
N TYR B 450 0.40 -30.95 -1.57
CA TYR B 450 -0.84 -30.92 -0.73
C TYR B 450 -0.67 -31.74 0.57
N ARG B 451 -0.11 -32.96 0.47
CA ARG B 451 0.04 -33.81 1.66
C ARG B 451 1.01 -33.16 2.66
N ASP B 452 2.10 -32.59 2.15
CA ASP B 452 3.07 -31.88 3.01
C ASP B 452 2.42 -30.68 3.70
N GLN B 453 1.62 -29.91 2.96
CA GLN B 453 0.91 -28.78 3.55
C GLN B 453 -0.08 -29.24 4.62
N VAL B 454 -0.74 -30.37 4.38
CA VAL B 454 -1.63 -30.97 5.38
C VAL B 454 -0.85 -31.29 6.65
N GLU B 455 0.33 -31.89 6.49
CA GLU B 455 1.21 -32.19 7.62
C GLU B 455 1.60 -30.98 8.44
N ARG B 456 1.92 -29.87 7.78
CA ARG B 456 2.25 -28.62 8.50
C ARG B 456 1.12 -28.12 9.39
N ILE B 457 -0.11 -28.14 8.88
CA ILE B 457 -1.23 -27.68 9.69
C ILE B 457 -1.60 -28.70 10.78
N ARG B 458 -1.48 -29.99 10.46
CA ARG B 458 -1.65 -31.07 11.47
C ARG B 458 -0.70 -30.87 12.67
N GLU B 459 0.60 -30.68 12.39
CA GLU B 459 1.61 -30.56 13.43
C GLU B 459 1.42 -29.35 14.28
N ALA B 460 1.03 -28.24 13.65
CA ALA B 460 0.73 -27.00 14.39
C ALA B 460 -0.53 -27.13 15.28
N GLN B 461 -1.57 -27.74 14.75
CA GLN B 461 -2.80 -28.02 15.57
C GLN B 461 -2.53 -28.91 16.77
N GLU B 462 -1.75 -29.96 16.56
CA GLU B 462 -1.40 -30.90 17.63
C GLU B 462 -0.47 -30.23 18.68
N LEU B 463 0.40 -29.37 18.20
CA LEU B 463 1.31 -28.64 19.10
C LEU B 463 0.62 -27.55 19.89
N ALA B 464 -0.38 -26.89 19.29
CA ALA B 464 -1.20 -25.93 20.04
C ALA B 464 -2.02 -26.65 21.15
N ALA B 465 -2.59 -27.80 20.81
CA ALA B 465 -3.26 -28.67 21.83
C ALA B 465 -2.29 -29.04 22.95
N TYR B 466 -1.07 -29.43 22.57
CA TYR B 466 -0.03 -29.76 23.54
C TYR B 466 0.30 -28.61 24.49
N LEU B 467 0.52 -27.42 23.93
CA LEU B 467 0.81 -26.22 24.75
C LEU B 467 -0.32 -25.93 25.76
N GLU B 468 -1.55 -26.07 25.33
CA GLU B 468 -2.68 -25.85 26.23
C GLU B 468 -2.67 -26.90 27.36
N ARG B 469 -2.39 -28.14 27.03
CA ARG B 469 -2.27 -29.18 28.09
C ARG B 469 -1.13 -28.84 29.05
N ARG B 470 0.04 -28.47 28.51
CA ARG B 470 1.18 -28.09 29.36
C ARG B 470 0.95 -26.92 30.26
N LEU B 471 0.28 -25.89 29.76
CA LEU B 471 -0.03 -24.73 30.56
C LEU B 471 -1.00 -25.08 31.70
N THR B 472 -2.02 -25.87 31.42
CA THR B 472 -2.95 -26.29 32.51
C THR B 472 -2.28 -27.18 33.56
N ALA B 473 -1.39 -28.08 33.12
CA ALA B 473 -0.54 -28.87 34.02
C ALA B 473 0.36 -27.99 34.91
N MET B 474 0.90 -26.94 34.30
CA MET B 474 1.74 -26.00 35.02
C MET B 474 0.97 -25.26 36.10
N GLU B 475 -0.27 -24.84 35.82
CA GLU B 475 -1.14 -24.25 36.83
C GLU B 475 -1.28 -25.16 38.06
N ARG B 476 -1.53 -26.45 37.81
CA ARG B 476 -1.64 -27.47 38.89
C ARG B 476 -0.31 -27.77 39.60
N GLU B 477 0.79 -27.86 38.84
CA GLU B 477 2.12 -28.08 39.44
C GLU B 477 2.56 -26.93 40.34
N LEU B 478 2.33 -25.69 39.91
CA LEU B 478 2.80 -24.52 40.63
C LEU B 478 1.77 -23.85 41.53
N GLY B 479 0.47 -24.19 41.37
CA GLY B 479 -0.59 -23.54 42.12
C GLY B 479 -0.80 -22.06 41.78
N VAL B 480 -0.81 -21.77 40.48
CA VAL B 480 -0.93 -20.40 39.98
C VAL B 480 -2.00 -20.35 38.89
N GLU B 481 -2.58 -19.18 38.68
CA GLU B 481 -3.58 -18.99 37.63
C GLU B 481 -2.88 -18.35 36.43
N LEU B 482 -2.92 -19.07 35.31
CA LEU B 482 -2.35 -18.61 34.03
C LEU B 482 -3.43 -18.28 33.01
N TRP B 483 -4.72 -18.44 33.33
CA TRP B 483 -5.83 -18.14 32.41
C TRP B 483 -5.66 -18.72 31.01
N PRO B 484 -5.10 -19.94 30.88
CA PRO B 484 -4.87 -20.33 29.46
C PRO B 484 -6.18 -20.52 28.67
N ALA B 485 -6.20 -20.18 27.39
CA ALA B 485 -7.39 -20.38 26.56
C ALA B 485 -6.98 -20.66 25.15
N ARG B 486 -7.74 -21.51 24.47
CA ARG B 486 -7.46 -21.86 23.10
C ARG B 486 -8.79 -22.15 22.46
N THR B 487 -9.10 -21.40 21.44
CA THR B 487 -10.30 -21.62 20.61
C THR B 487 -10.11 -22.91 19.83
N PRO B 488 -11.09 -23.86 19.90
CA PRO B 488 -11.00 -25.12 19.17
C PRO B 488 -10.61 -24.85 17.73
N GLY B 489 -9.59 -25.54 17.25
CA GLY B 489 -9.13 -25.35 15.90
C GLY B 489 -8.20 -24.18 15.63
N ALA B 490 -7.92 -23.35 16.63
CA ALA B 490 -6.96 -22.25 16.46
C ALA B 490 -5.51 -22.75 16.66
N VAL B 491 -4.53 -22.07 16.04
CA VAL B 491 -3.12 -22.45 16.21
C VAL B 491 -2.48 -21.46 17.23
N THR B 492 -3.31 -20.76 18.00
CA THR B 492 -2.80 -19.89 19.07
C THR B 492 -3.40 -20.19 20.41
N VAL B 493 -2.62 -19.93 21.49
CA VAL B 493 -3.03 -20.17 22.86
C VAL B 493 -2.70 -18.93 23.61
N ARG B 494 -3.65 -18.39 24.38
CA ARG B 494 -3.46 -17.16 25.11
C ARG B 494 -3.27 -17.52 26.56
N PHE B 495 -2.59 -16.66 27.31
CA PHE B 495 -2.43 -16.88 28.74
C PHE B 495 -1.94 -15.63 29.38
N ARG B 496 -1.81 -15.65 30.70
CA ARG B 496 -1.35 -14.51 31.46
C ARG B 496 -0.01 -13.98 30.99
N LYS B 497 0.06 -12.67 30.83
CA LYS B 497 1.34 -12.05 30.46
C LYS B 497 2.43 -12.29 31.52
N PRO B 498 3.54 -12.96 31.14
CA PRO B 498 4.71 -13.12 31.99
C PRO B 498 5.56 -11.84 32.11
N SER B 499 6.78 -11.98 32.65
CA SER B 499 7.71 -10.85 32.80
C SER B 499 8.05 -10.23 31.45
N ALA B 500 8.28 -8.93 31.46
CA ALA B 500 8.76 -8.17 30.29
C ALA B 500 9.97 -8.83 29.67
N GLU B 501 10.87 -9.35 30.49
CA GLU B 501 12.09 -10.00 30.00
C GLU B 501 11.73 -11.20 29.10
N LEU B 502 10.84 -12.06 29.60
CA LEU B 502 10.39 -13.22 28.85
C LEU B 502 9.65 -12.82 27.58
N VAL B 503 8.73 -11.85 27.70
CA VAL B 503 7.98 -11.32 26.56
C VAL B 503 8.94 -10.86 25.41
N ALA B 504 9.96 -10.11 25.80
CA ALA B 504 10.95 -9.57 24.86
C ALA B 504 11.82 -10.65 24.20
N LYS B 505 12.18 -11.68 24.95
CA LYS B 505 13.00 -12.80 24.44
C LYS B 505 12.24 -13.60 23.39
N TRP B 506 10.98 -13.91 23.70
CA TRP B 506 10.17 -14.79 22.81
C TRP B 506 9.21 -14.03 21.88
N SER B 507 9.35 -12.69 21.79
CA SER B 507 8.45 -11.82 21.02
C SER B 507 6.98 -12.19 21.22
N LEU B 508 6.50 -12.12 22.44
CA LEU B 508 5.12 -12.51 22.72
C LEU B 508 4.27 -11.29 22.50
N SER B 509 3.22 -11.41 21.67
CA SER B 509 2.32 -10.29 21.44
C SER B 509 1.38 -10.18 22.64
N SER B 510 1.03 -8.95 22.98
CA SER B 510 0.25 -8.62 24.19
C SER B 510 -1.09 -8.01 23.81
N GLN B 511 -2.10 -8.32 24.61
CA GLN B 511 -3.40 -7.67 24.51
C GLN B 511 -3.96 -7.49 25.90
N ASP B 512 -4.42 -6.28 26.17
CA ASP B 512 -5.20 -6.03 27.35
C ASP B 512 -6.68 -6.15 27.05
N VAL B 513 -7.42 -6.61 28.04
CA VAL B 513 -8.87 -6.69 27.97
C VAL B 513 -9.42 -6.07 29.24
N LEU B 514 -10.57 -5.44 29.12
CA LEU B 514 -11.38 -5.09 30.29
C LEU B 514 -12.42 -6.19 30.42
N MET B 515 -12.45 -6.80 31.59
CA MET B 515 -13.36 -7.92 31.83
C MET B 515 -14.82 -7.47 31.89
N VAL B 516 -15.06 -6.22 32.28
CA VAL B 516 -16.37 -5.59 32.08
C VAL B 516 -16.12 -4.30 31.30
N PRO B 517 -16.60 -4.24 30.04
CA PRO B 517 -16.34 -3.08 29.18
C PRO B 517 -16.62 -1.75 29.86
N GLY B 518 -15.68 -0.82 29.75
CA GLY B 518 -15.76 0.50 30.40
C GLY B 518 -15.15 0.63 31.78
N ASP B 519 -14.97 -0.48 32.49
CA ASP B 519 -14.46 -0.45 33.88
C ASP B 519 -12.96 -0.74 33.93
N GLU B 520 -12.19 0.29 34.24
CA GLU B 520 -10.74 0.25 34.15
C GLU B 520 -10.08 -0.65 35.21
N THR B 521 -10.79 -0.93 36.31
CA THR B 521 -10.32 -1.83 37.37
C THR B 521 -10.41 -3.32 37.02
N THR B 522 -10.99 -3.65 35.85
CA THR B 522 -11.14 -5.03 35.42
C THR B 522 -10.12 -5.40 34.33
N ARG B 523 -9.07 -4.60 34.14
CA ARG B 523 -8.09 -4.83 33.08
C ARG B 523 -7.28 -6.09 33.37
N ARG B 524 -7.11 -6.92 32.34
CA ARG B 524 -6.23 -8.10 32.37
C ARG B 524 -5.30 -8.05 31.18
N SER B 525 -4.04 -8.46 31.40
CA SER B 525 -2.99 -8.48 30.39
C SER B 525 -2.70 -9.92 29.98
N TYR B 526 -2.98 -10.22 28.72
CA TYR B 526 -2.72 -11.47 28.08
C TYR B 526 -1.54 -11.38 27.10
N VAL B 527 -0.92 -12.53 26.89
CA VAL B 527 -0.06 -12.74 25.74
C VAL B 527 -0.62 -13.93 24.97
N HIS B 528 -0.08 -14.18 23.78
CA HIS B 528 -0.33 -15.41 23.06
C HIS B 528 0.90 -15.97 22.40
N VAL B 529 0.84 -17.27 22.09
CA VAL B 529 1.84 -17.96 21.30
C VAL B 529 1.11 -18.47 20.07
N PHE B 530 1.70 -18.22 18.92
CA PHE B 530 1.23 -18.78 17.62
C PHE B 530 2.10 -19.93 17.19
N VAL B 531 1.49 -21.10 16.98
CA VAL B 531 2.21 -22.30 16.61
C VAL B 531 2.26 -22.35 15.08
N MET B 532 3.30 -21.71 14.56
CA MET B 532 3.54 -21.73 13.12
C MET B 532 4.40 -22.95 12.78
N PRO B 533 4.49 -23.29 11.49
CA PRO B 533 5.32 -24.45 11.12
C PRO B 533 6.79 -24.38 11.58
N SER B 534 7.32 -23.19 11.85
CA SER B 534 8.67 -23.07 12.39
C SER B 534 8.77 -23.22 13.93
N VAL B 535 7.64 -23.41 14.60
CA VAL B 535 7.57 -23.67 16.03
C VAL B 535 7.44 -25.19 16.23
N ASP B 536 8.47 -25.82 16.80
CA ASP B 536 8.39 -27.25 17.13
C ASP B 536 8.30 -27.50 18.64
N ARG B 537 8.21 -28.77 19.03
CA ARG B 537 8.07 -29.11 20.42
C ARG B 537 9.20 -28.61 21.30
N ALA B 538 10.44 -28.78 20.82
CA ALA B 538 11.62 -28.32 21.55
C ALA B 538 11.52 -26.83 21.91
N LYS B 539 11.12 -26.03 20.96
CA LYS B 539 10.97 -24.59 21.21
C LYS B 539 9.91 -24.32 22.31
N LEU B 540 8.79 -25.02 22.20
CA LEU B 540 7.70 -24.86 23.17
C LEU B 540 8.12 -25.33 24.56
N ASP B 541 8.85 -26.46 24.63
CA ASP B 541 9.37 -26.94 25.90
C ASP B 541 10.36 -25.99 26.56
N ALA B 542 11.21 -25.37 25.74
CA ALA B 542 12.16 -24.38 26.26
C ALA B 542 11.40 -23.15 26.78
N LEU B 543 10.44 -22.67 26.03
CA LEU B 543 9.55 -21.59 26.54
C LEU B 543 8.83 -21.97 27.84
N LEU B 544 8.26 -23.17 27.90
CA LEU B 544 7.55 -23.63 29.10
C LEU B 544 8.44 -23.73 30.36
N ALA B 545 9.69 -24.16 30.19
CA ALA B 545 10.66 -24.28 31.30
C ALA B 545 10.96 -22.93 31.87
N GLU B 546 11.06 -21.90 31.02
CA GLU B 546 11.24 -20.53 31.46
C GLU B 546 9.99 -19.91 32.06
N LEU B 547 8.83 -20.22 31.49
CA LEU B 547 7.56 -19.77 32.09
C LEU B 547 7.41 -20.27 33.54
N ALA B 548 7.78 -21.53 33.78
CA ALA B 548 7.67 -22.13 35.10
C ALA B 548 8.52 -21.47 36.19
N GLU B 549 9.55 -20.72 35.80
CA GLU B 549 10.42 -20.02 36.74
C GLU B 549 10.29 -18.52 36.61
N ASP B 550 9.33 -18.06 35.80
CA ASP B 550 9.15 -16.63 35.59
C ASP B 550 8.58 -15.94 36.85
N PRO B 551 9.11 -14.75 37.22
CA PRO B 551 8.68 -14.12 38.47
C PRO B 551 7.25 -13.61 38.49
N VAL B 552 6.73 -13.14 37.34
CA VAL B 552 5.35 -12.67 37.27
C VAL B 552 4.41 -13.87 37.35
N ILE B 553 4.78 -14.99 36.71
CA ILE B 553 3.93 -16.18 36.77
C ILE B 553 3.88 -16.75 38.19
N LEU B 554 5.04 -16.92 38.81
CA LEU B 554 5.13 -17.40 40.20
C LEU B 554 4.54 -16.44 41.23
N GLY B 555 4.62 -15.14 40.97
CA GLY B 555 4.05 -14.15 41.88
C GLY B 555 2.57 -13.89 41.66
N ALA B 556 1.94 -14.68 40.78
CA ALA B 556 0.59 -14.41 40.31
C ALA B 556 -0.40 -14.54 41.46
N PRO B 557 -1.04 -13.42 41.85
CA PRO B 557 -2.14 -13.57 42.81
C PRO B 557 -3.31 -14.27 42.11
#